data_9G3G
#
_entry.id   9G3G
#
_cell.length_a   1.00
_cell.length_b   1.00
_cell.length_c   1.00
_cell.angle_alpha   90.00
_cell.angle_beta   90.00
_cell.angle_gamma   90.00
#
_symmetry.space_group_name_H-M   'P 1'
#
loop_
_entity.id
_entity.type
_entity.pdbx_description
1 polymer 'Peptide antibiotic transporter SbmA'
2 non-polymer '(1S)-2-{[{[(2R)-2,3-DIHYDROXYPROPYL]OXY}(HYDROXY)PHOSPHORYL]OXY}-1-[(PALMITOYLOXY)METHYL]ETHYL STEARATE'
#
_entity_poly.entity_id   1
_entity_poly.type   'polypeptide(L)'
_entity_poly.pdbx_seq_one_letter_code
;MSFKSFFPKPGTFFLSAFVWALIAVIFWQAGGGDWVARITGASGQIPISAARFWSLDFLIFYAYYIVCVGLFALFWFIYS
PHRWQYWSILGTALIIFVTWFLVEVGVAVNAWYAPFYDLIQTALSSPHKVTIEQFYREVGVFLGIALIAVVISVLNNFFV
SHYVFRWRTAMNEYYMANWQQLRHIEGAAQRVQEDTMRFASTLENMGVSFINAIMTLIAFLPVLVTLSAHVPELPIIGHI
PYGLVIAAIVWSLMGTGLLAVVGIKLPGLEFKNQRVEAAYRKELVYGEDDATRATPPTVRELFSAVRKNYFRLYFHYMYF
NIARILYLQVDNVFGLFLLFPSIVAGTITLGLMTQITNVFGQVRGAFQYLINSWTTLVELMSIYKRLRSFEHELDGDKIQ
EVTHTLSALEVLFQGPHHHHHHHHHH
;
_entity_poly.pdbx_strand_id   A,B
#
# COMPACT_ATOMS: atom_id res chain seq x y z
N PHE A 3 21.44 15.94 9.66
CA PHE A 3 22.14 14.83 10.28
C PHE A 3 22.96 15.30 11.48
N LYS A 4 23.88 16.24 11.22
CA LYS A 4 24.74 16.74 12.28
C LYS A 4 23.95 17.49 13.35
N SER A 5 22.82 18.09 12.97
CA SER A 5 21.99 18.81 13.92
C SER A 5 21.23 17.88 14.85
N PHE A 6 20.93 16.66 14.41
CA PHE A 6 20.18 15.71 15.21
C PHE A 6 21.07 14.63 15.82
N PHE A 7 21.91 13.97 15.01
CA PHE A 7 22.76 12.90 15.51
C PHE A 7 24.16 13.42 15.83
N PRO A 8 24.80 12.87 16.87
CA PRO A 8 26.15 13.33 17.25
C PRO A 8 27.21 12.69 16.37
N LYS A 9 27.90 13.51 15.57
CA LYS A 9 28.95 13.06 14.66
C LYS A 9 28.43 11.94 13.75
N PRO A 10 27.58 12.26 12.77
CA PRO A 10 26.96 11.19 11.96
C PRO A 10 27.97 10.32 11.23
N GLY A 11 29.15 10.83 10.91
CA GLY A 11 30.16 10.01 10.25
C GLY A 11 30.60 8.84 11.11
N THR A 12 30.80 9.09 12.40
CA THR A 12 31.24 8.05 13.32
C THR A 12 30.09 7.39 14.06
N PHE A 13 29.00 8.13 14.30
CA PHE A 13 27.89 7.59 15.07
C PHE A 13 27.28 6.37 14.40
N PHE A 14 27.01 6.47 13.10
CA PHE A 14 26.37 5.35 12.40
C PHE A 14 27.34 4.20 12.21
N LEU A 15 28.61 4.49 11.98
CA LEU A 15 29.61 3.43 11.91
C LEU A 15 29.76 2.72 13.25
N SER A 16 29.80 3.48 14.34
CA SER A 16 29.89 2.89 15.67
C SER A 16 28.63 2.09 16.00
N ALA A 17 27.46 2.63 15.64
CA ALA A 17 26.22 1.91 15.90
C ALA A 17 26.16 0.59 15.14
N PHE A 18 26.59 0.60 13.87
CA PHE A 18 26.59 -0.63 13.09
C PHE A 18 27.57 -1.65 13.66
N VAL A 19 28.76 -1.18 14.06
CA VAL A 19 29.76 -2.09 14.62
C VAL A 19 29.29 -2.64 15.97
N TRP A 20 28.77 -1.76 16.84
CA TRP A 20 28.30 -2.21 18.14
C TRP A 20 27.12 -3.16 18.02
N ALA A 21 26.21 -2.87 17.08
CA ALA A 21 25.10 -3.79 16.84
C ALA A 21 25.60 -5.14 16.34
N LEU A 22 26.60 -5.12 15.45
CA LEU A 22 27.14 -6.38 14.92
C LEU A 22 27.77 -7.21 16.02
N ILE A 23 28.52 -6.58 16.93
CA ILE A 23 29.13 -7.31 18.05
C ILE A 23 28.04 -7.86 18.95
N ALA A 24 27.02 -7.04 19.25
CA ALA A 24 25.92 -7.49 20.10
C ALA A 24 25.15 -8.62 19.45
N VAL A 25 24.89 -8.52 18.14
CA VAL A 25 24.18 -9.60 17.43
C VAL A 25 25.02 -10.87 17.42
N ILE A 26 26.32 -10.75 17.11
CA ILE A 26 27.18 -11.92 17.04
C ILE A 26 27.29 -12.59 18.40
N PHE A 27 27.49 -11.79 19.45
CA PHE A 27 27.63 -12.36 20.79
C PHE A 27 26.35 -13.08 21.23
N TRP A 28 25.20 -12.45 20.99
CA TRP A 28 23.94 -13.04 21.45
C TRP A 28 23.62 -14.32 20.67
N GLN A 29 23.74 -14.28 19.34
CA GLN A 29 23.34 -15.42 18.52
C GLN A 29 24.29 -16.60 18.63
N ALA A 30 25.53 -16.39 19.06
CA ALA A 30 26.49 -17.49 19.15
C ALA A 30 26.52 -18.10 20.55
N GLY A 31 26.91 -17.31 21.55
CA GLY A 31 26.99 -17.83 22.90
C GLY A 31 26.19 -17.05 23.92
N GLY A 32 25.94 -15.77 23.65
CA GLY A 32 25.31 -14.92 24.64
C GLY A 32 23.90 -15.34 24.99
N GLY A 33 23.12 -15.75 23.97
CA GLY A 33 21.73 -16.10 24.21
C GLY A 33 21.59 -17.29 25.15
N ASP A 34 22.39 -18.33 24.93
CA ASP A 34 22.30 -19.52 25.77
C ASP A 34 22.96 -19.31 27.13
N TRP A 35 24.08 -18.57 27.16
CA TRP A 35 24.82 -18.42 28.41
C TRP A 35 24.04 -17.59 29.41
N VAL A 36 23.33 -16.54 28.95
CA VAL A 36 22.52 -15.76 29.86
C VAL A 36 21.30 -16.55 30.32
N ALA A 37 20.70 -17.32 29.41
CA ALA A 37 19.51 -18.09 29.76
C ALA A 37 19.83 -19.15 30.82
N ARG A 38 21.02 -19.76 30.75
CA ARG A 38 21.41 -20.75 31.74
C ARG A 38 21.50 -20.13 33.13
N ILE A 39 22.03 -18.91 33.23
CA ILE A 39 22.14 -18.24 34.52
C ILE A 39 20.75 -17.96 35.08
N THR A 40 19.85 -17.45 34.24
CA THR A 40 18.51 -17.11 34.69
C THR A 40 17.64 -18.36 34.86
N GLY A 41 17.81 -19.36 34.00
CA GLY A 41 17.02 -20.56 34.06
C GLY A 41 15.74 -20.46 33.25
N ALA A 42 15.87 -20.14 31.97
CA ALA A 42 14.73 -19.99 31.07
C ALA A 42 14.70 -21.17 30.10
N SER A 43 13.56 -21.84 30.01
CA SER A 43 13.39 -22.96 29.11
C SER A 43 12.97 -22.47 27.73
N GLY A 44 13.16 -23.32 26.73
CA GLY A 44 12.83 -22.99 25.36
C GLY A 44 11.38 -23.10 24.98
N GLN A 45 10.52 -23.50 25.91
CA GLN A 45 9.09 -23.65 25.64
C GLN A 45 8.46 -22.26 25.58
N ILE A 46 8.29 -21.74 24.36
CA ILE A 46 7.69 -20.43 24.13
C ILE A 46 6.21 -20.65 23.83
N PRO A 47 5.29 -20.14 24.65
CA PRO A 47 3.87 -20.34 24.38
C PRO A 47 3.45 -19.67 23.08
N ILE A 48 2.49 -20.29 22.40
CA ILE A 48 1.95 -19.73 21.16
C ILE A 48 1.03 -18.56 21.43
N SER A 49 0.47 -18.45 22.62
CA SER A 49 -0.47 -17.40 22.95
C SER A 49 0.27 -16.06 23.11
N ALA A 50 -0.46 -15.04 23.56
CA ALA A 50 0.10 -13.69 23.72
C ALA A 50 0.94 -13.55 24.98
N ALA A 51 1.01 -14.58 25.82
CA ALA A 51 1.80 -14.52 27.05
C ALA A 51 3.28 -14.76 26.82
N ARG A 52 3.69 -15.05 25.59
CA ARG A 52 5.09 -15.25 25.28
C ARG A 52 5.90 -13.96 25.30
N PHE A 53 5.25 -12.80 25.19
CA PHE A 53 5.96 -11.54 25.13
C PHE A 53 6.44 -11.04 26.50
N TRP A 54 5.93 -11.62 27.58
CA TRP A 54 6.45 -11.32 28.92
C TRP A 54 6.93 -12.60 29.61
N SER A 55 7.29 -13.61 28.83
CA SER A 55 7.89 -14.81 29.36
C SER A 55 9.34 -14.56 29.72
N LEU A 56 9.98 -15.56 30.33
CA LEU A 56 11.36 -15.39 30.78
C LEU A 56 12.31 -15.17 29.62
N ASP A 57 12.11 -15.91 28.52
CA ASP A 57 13.01 -15.78 27.37
C ASP A 57 12.93 -14.39 26.75
N PHE A 58 11.71 -13.83 26.66
CA PHE A 58 11.57 -12.51 26.07
C PHE A 58 12.02 -11.42 27.03
N LEU A 59 11.83 -11.63 28.34
CA LEU A 59 12.29 -10.65 29.32
C LEU A 59 13.81 -10.53 29.31
N ILE A 60 14.50 -11.65 29.10
CA ILE A 60 15.96 -11.62 29.02
C ILE A 60 16.42 -10.75 27.85
N PHE A 61 15.76 -10.91 26.69
CA PHE A 61 16.15 -10.12 25.53
C PHE A 61 15.84 -8.64 25.74
N TYR A 62 14.78 -8.33 26.49
CA TYR A 62 14.49 -6.94 26.80
C TYR A 62 15.60 -6.33 27.63
N ALA A 63 16.10 -7.07 28.62
CA ALA A 63 17.20 -6.57 29.44
C ALA A 63 18.49 -6.48 28.64
N TYR A 64 18.75 -7.47 27.78
CA TYR A 64 19.96 -7.45 26.97
C TYR A 64 19.97 -6.28 26.00
N TYR A 65 18.82 -6.01 25.37
CA TYR A 65 18.74 -4.88 24.45
C TYR A 65 18.91 -3.56 25.20
N ILE A 66 18.34 -3.46 26.40
CA ILE A 66 18.47 -2.23 27.19
C ILE A 66 19.92 -1.99 27.58
N VAL A 67 20.62 -3.04 28.00
CA VAL A 67 22.02 -2.89 28.42
C VAL A 67 22.89 -2.49 27.22
N CYS A 68 22.69 -3.17 26.08
CA CYS A 68 23.49 -2.86 24.90
C CYS A 68 23.24 -1.44 24.42
N VAL A 69 21.98 -1.02 24.41
CA VAL A 69 21.67 0.36 24.05
C VAL A 69 22.17 1.33 25.12
N GLY A 70 22.02 0.96 26.40
CA GLY A 70 22.50 1.83 27.46
C GLY A 70 24.00 2.05 27.43
N LEU A 71 24.77 0.98 27.19
CA LEU A 71 26.21 1.14 27.07
C LEU A 71 26.57 1.99 25.86
N PHE A 72 25.87 1.79 24.74
CA PHE A 72 26.06 2.63 23.57
C PHE A 72 25.66 4.07 23.86
N ALA A 73 24.56 4.27 24.58
CA ALA A 73 24.09 5.62 24.88
C ALA A 73 25.04 6.34 25.84
N LEU A 74 25.48 5.65 26.90
CA LEU A 74 26.35 6.28 27.88
C LEU A 74 27.68 6.70 27.25
N PHE A 75 28.21 5.89 26.34
CA PHE A 75 29.45 6.26 25.67
C PHE A 75 29.29 7.53 24.86
N TRP A 76 28.18 7.64 24.11
CA TRP A 76 27.96 8.83 23.30
C TRP A 76 27.44 10.02 24.10
N PHE A 77 26.93 9.78 25.31
CA PHE A 77 26.54 10.90 26.16
C PHE A 77 27.76 11.59 26.76
N ILE A 78 28.88 10.88 26.86
CA ILE A 78 30.09 11.47 27.43
C ILE A 78 31.05 11.87 26.31
N TYR A 79 31.14 11.08 25.24
CA TYR A 79 32.08 11.36 24.17
C TYR A 79 31.75 12.68 23.48
N SER A 80 30.47 12.91 23.19
CA SER A 80 30.04 14.14 22.51
C SER A 80 28.58 14.41 22.87
N PRO A 81 28.34 15.27 23.86
CA PRO A 81 26.94 15.58 24.21
C PRO A 81 26.22 16.29 23.08
N HIS A 82 24.92 16.06 23.00
CA HIS A 82 24.07 16.66 21.98
C HIS A 82 22.76 17.10 22.62
N ARG A 83 22.15 18.15 22.06
CA ARG A 83 20.86 18.61 22.56
C ARG A 83 19.77 17.58 22.33
N TRP A 84 19.76 16.98 21.14
CA TRP A 84 18.77 15.95 20.83
C TRP A 84 19.32 14.55 21.00
N GLN A 85 20.24 14.34 21.94
CA GLN A 85 20.82 13.02 22.13
C GLN A 85 19.80 12.03 22.72
N TYR A 86 18.81 12.54 23.45
CA TYR A 86 17.77 11.68 24.01
C TYR A 86 16.74 11.26 22.98
N TRP A 87 16.64 11.98 21.86
CA TRP A 87 15.75 11.62 20.77
C TRP A 87 16.45 10.89 19.64
N SER A 88 17.68 11.31 19.31
CA SER A 88 18.39 10.69 18.19
C SER A 88 18.92 9.31 18.58
N ILE A 89 19.48 9.18 19.77
CA ILE A 89 20.10 7.93 20.20
C ILE A 89 19.05 7.01 20.82
N LEU A 90 18.43 7.47 21.91
CA LEU A 90 17.46 6.64 22.61
C LEU A 90 16.17 6.47 21.81
N GLY A 91 15.76 7.51 21.09
CA GLY A 91 14.53 7.40 20.31
C GLY A 91 14.63 6.40 19.18
N THR A 92 15.76 6.39 18.47
CA THR A 92 15.97 5.42 17.40
C THR A 92 16.02 4.00 17.93
N ALA A 93 16.65 3.82 19.10
CA ALA A 93 16.70 2.48 19.71
C ALA A 93 15.30 1.99 20.04
N LEU A 94 14.43 2.88 20.51
CA LEU A 94 13.04 2.50 20.76
C LEU A 94 12.34 2.15 19.46
N ILE A 95 12.56 2.94 18.40
CA ILE A 95 11.90 2.67 17.12
C ILE A 95 12.38 1.35 16.53
N ILE A 96 13.69 1.09 16.62
CA ILE A 96 14.23 -0.17 16.13
C ILE A 96 13.66 -1.34 16.92
N PHE A 97 13.57 -1.18 18.25
CA PHE A 97 13.04 -2.26 19.09
C PHE A 97 11.58 -2.54 18.77
N VAL A 98 10.76 -1.49 18.61
CA VAL A 98 9.35 -1.69 18.30
C VAL A 98 9.19 -2.31 16.93
N THR A 99 10.05 -1.93 15.98
CA THR A 99 10.03 -2.56 14.67
C THR A 99 10.32 -4.06 14.78
N TRP A 100 11.29 -4.42 15.63
CA TRP A 100 11.55 -5.84 15.89
C TRP A 100 10.37 -6.49 16.60
N PHE A 101 9.76 -5.79 17.56
CA PHE A 101 8.66 -6.36 18.32
C PHE A 101 7.46 -6.66 17.43
N LEU A 102 7.13 -5.75 16.52
CA LEU A 102 6.01 -5.98 15.61
C LEU A 102 6.30 -7.13 14.66
N VAL A 103 7.58 -7.36 14.35
CA VAL A 103 7.95 -8.52 13.54
C VAL A 103 7.76 -9.80 14.35
N GLU A 104 8.15 -9.78 15.62
CA GLU A 104 7.98 -10.97 16.46
C GLU A 104 6.52 -11.24 16.78
N VAL A 105 5.68 -10.21 16.72
CA VAL A 105 4.24 -10.43 16.82
C VAL A 105 3.74 -11.20 15.61
N GLY A 106 4.24 -10.85 14.43
CA GLY A 106 3.88 -11.59 13.23
C GLY A 106 4.37 -13.02 13.25
N VAL A 107 5.53 -13.26 13.89
CA VAL A 107 6.02 -14.62 14.06
C VAL A 107 5.11 -15.40 15.01
N ALA A 108 4.63 -14.73 16.06
CA ALA A 108 3.68 -15.37 16.97
C ALA A 108 2.36 -15.68 16.27
N VAL A 109 1.89 -14.76 15.43
CA VAL A 109 0.69 -15.01 14.64
C VAL A 109 0.91 -16.16 13.67
N ASN A 110 2.08 -16.18 13.02
CA ASN A 110 2.39 -17.25 12.08
C ASN A 110 2.43 -18.61 12.78
N ALA A 111 2.98 -18.66 13.99
CA ALA A 111 3.01 -19.90 14.74
C ALA A 111 1.62 -20.37 15.15
N TRP A 112 0.65 -19.45 15.23
CA TRP A 112 -0.71 -19.79 15.58
C TRP A 112 -1.48 -20.43 14.43
N TYR A 113 -1.01 -20.29 13.20
CA TYR A 113 -1.70 -20.86 12.05
C TYR A 113 -1.62 -22.38 12.00
N ALA A 114 -0.65 -22.99 12.68
CA ALA A 114 -0.51 -24.43 12.66
C ALA A 114 -1.56 -25.10 13.56
N PRO A 115 -1.69 -24.75 14.83
CA PRO A 115 -2.75 -25.39 15.65
C PRO A 115 -4.15 -25.08 15.17
N PHE A 116 -4.38 -23.88 14.62
CA PHE A 116 -5.73 -23.50 14.21
C PHE A 116 -6.18 -24.29 12.99
N TYR A 117 -5.34 -24.35 11.96
CA TYR A 117 -5.73 -25.03 10.73
C TYR A 117 -5.62 -26.54 10.84
N ASP A 118 -4.90 -27.06 11.84
CA ASP A 118 -5.01 -28.48 12.15
C ASP A 118 -6.36 -28.78 12.78
N LEU A 119 -6.91 -27.84 13.54
CA LEU A 119 -8.26 -27.99 14.07
C LEU A 119 -9.30 -27.93 12.96
N ILE A 120 -9.11 -27.02 12.00
CA ILE A 120 -10.03 -26.92 10.87
C ILE A 120 -10.01 -28.21 10.05
N GLN A 121 -8.82 -28.76 9.80
CA GLN A 121 -8.72 -30.01 9.06
C GLN A 121 -9.41 -31.15 9.82
N THR A 122 -9.26 -31.17 11.16
CA THR A 122 -9.92 -32.19 11.95
C THR A 122 -11.44 -32.07 11.85
N ALA A 123 -11.96 -30.85 11.91
CA ALA A 123 -13.41 -30.65 11.82
C ALA A 123 -13.93 -31.03 10.44
N LEU A 124 -13.22 -30.64 9.38
CA LEU A 124 -13.68 -30.93 8.03
C LEU A 124 -13.57 -32.43 7.72
N SER A 125 -12.55 -33.10 8.24
CA SER A 125 -12.35 -34.50 7.93
C SER A 125 -13.49 -35.37 8.45
N SER A 126 -14.12 -34.96 9.55
CA SER A 126 -15.21 -35.74 10.12
C SER A 126 -16.20 -34.82 10.82
N PRO A 127 -17.46 -34.80 10.39
CA PRO A 127 -18.45 -33.90 10.99
C PRO A 127 -18.72 -34.23 12.45
N HIS A 128 -19.07 -33.20 13.22
CA HIS A 128 -19.46 -33.33 14.62
C HIS A 128 -18.37 -33.99 15.45
N LYS A 129 -17.12 -33.62 15.19
CA LYS A 129 -15.99 -34.06 15.99
C LYS A 129 -15.33 -32.95 16.80
N VAL A 130 -15.25 -31.75 16.25
CA VAL A 130 -14.67 -30.60 16.94
C VAL A 130 -15.80 -29.64 17.29
N THR A 131 -15.95 -29.35 18.57
CA THR A 131 -16.99 -28.43 19.02
C THR A 131 -16.64 -26.99 18.66
N ILE A 132 -17.67 -26.15 18.60
CA ILE A 132 -17.47 -24.75 18.27
C ILE A 132 -16.74 -24.01 19.38
N GLU A 133 -16.74 -24.55 20.59
CA GLU A 133 -16.03 -23.90 21.70
C GLU A 133 -14.53 -23.89 21.46
N GLN A 134 -14.00 -24.94 20.84
CA GLN A 134 -12.57 -24.97 20.53
C GLN A 134 -12.20 -23.87 19.55
N PHE A 135 -13.06 -23.63 18.55
CA PHE A 135 -12.80 -22.55 17.61
C PHE A 135 -12.86 -21.18 18.28
N TYR A 136 -13.77 -21.02 19.24
CA TYR A 136 -13.87 -19.75 19.97
C TYR A 136 -12.60 -19.50 20.78
N ARG A 137 -12.07 -20.53 21.43
CA ARG A 137 -10.84 -20.36 22.20
C ARG A 137 -9.66 -20.04 21.30
N GLU A 138 -9.55 -20.71 20.15
CA GLU A 138 -8.43 -20.46 19.24
C GLU A 138 -8.46 -19.03 18.72
N VAL A 139 -9.64 -18.51 18.38
CA VAL A 139 -9.75 -17.11 17.98
C VAL A 139 -9.43 -16.20 19.16
N GLY A 140 -9.80 -16.60 20.37
CA GLY A 140 -9.43 -15.82 21.54
C GLY A 140 -7.93 -15.73 21.72
N VAL A 141 -7.21 -16.80 21.38
CA VAL A 141 -5.75 -16.76 21.42
C VAL A 141 -5.23 -15.76 20.39
N PHE A 142 -5.79 -15.79 19.17
CA PHE A 142 -5.38 -14.84 18.15
C PHE A 142 -5.69 -13.41 18.55
N LEU A 143 -6.86 -13.19 19.15
CA LEU A 143 -7.24 -11.85 19.56
C LEU A 143 -6.29 -11.31 20.63
N GLY A 144 -5.84 -12.15 21.56
CA GLY A 144 -4.90 -11.70 22.56
C GLY A 144 -3.62 -11.16 21.96
N ILE A 145 -3.10 -11.86 20.93
CA ILE A 145 -1.95 -11.35 20.20
C ILE A 145 -2.32 -10.08 19.44
N ALA A 146 -3.55 -10.01 18.93
CA ALA A 146 -3.97 -8.84 18.17
C ALA A 146 -4.02 -7.58 19.02
N LEU A 147 -4.51 -7.67 20.25
CA LEU A 147 -4.53 -6.48 21.12
C LEU A 147 -3.13 -5.98 21.40
N ILE A 148 -2.17 -6.89 21.61
CA ILE A 148 -0.78 -6.48 21.77
C ILE A 148 -0.29 -5.78 20.51
N ALA A 149 -0.61 -6.34 19.34
CA ALA A 149 -0.24 -5.70 18.09
C ALA A 149 -0.93 -4.35 17.93
N VAL A 150 -2.21 -4.27 18.32
CA VAL A 150 -2.96 -3.02 18.16
C VAL A 150 -2.38 -1.94 19.05
N VAL A 151 -2.12 -2.27 20.33
CA VAL A 151 -1.67 -1.26 21.28
C VAL A 151 -0.28 -0.76 20.91
N ILE A 152 0.63 -1.68 20.56
CA ILE A 152 2.00 -1.29 20.26
C ILE A 152 2.07 -0.52 18.94
N SER A 153 1.32 -0.96 17.93
CA SER A 153 1.34 -0.27 16.64
C SER A 153 0.79 1.14 16.77
N VAL A 154 -0.29 1.32 17.53
CA VAL A 154 -0.87 2.64 17.72
C VAL A 154 0.12 3.55 18.43
N LEU A 155 0.78 3.03 19.46
CA LEU A 155 1.80 3.82 20.16
C LEU A 155 3.05 4.01 19.32
N ASN A 156 3.33 3.09 18.40
CA ASN A 156 4.49 3.23 17.54
C ASN A 156 4.34 4.41 16.60
N ASN A 157 3.18 4.54 15.96
CA ASN A 157 2.94 5.67 15.06
C ASN A 157 2.93 6.99 15.82
N PHE A 158 2.46 6.96 17.06
CA PHE A 158 2.48 8.18 17.88
C PHE A 158 3.91 8.63 18.15
N PHE A 159 4.79 7.69 18.53
CA PHE A 159 6.17 8.05 18.84
C PHE A 159 6.95 8.37 17.57
N VAL A 160 6.71 7.62 16.49
CA VAL A 160 7.43 7.86 15.24
C VAL A 160 7.10 9.25 14.70
N SER A 161 5.83 9.64 14.74
CA SER A 161 5.44 10.97 14.30
C SER A 161 6.08 12.04 15.18
N HIS A 162 6.09 11.83 16.49
CA HIS A 162 6.73 12.79 17.39
C HIS A 162 8.24 12.79 17.21
N TYR A 163 8.83 11.62 16.98
CA TYR A 163 10.26 11.55 16.71
C TYR A 163 10.61 12.28 15.41
N VAL A 164 9.79 12.13 14.38
CA VAL A 164 10.05 12.78 13.10
C VAL A 164 9.96 14.30 13.26
N PHE A 165 9.00 14.79 14.04
CA PHE A 165 8.87 16.23 14.24
C PHE A 165 10.06 16.80 14.99
N ARG A 166 10.65 16.04 15.92
CA ARG A 166 11.87 16.51 16.58
C ARG A 166 13.02 16.60 15.61
N TRP A 167 13.06 15.71 14.61
CA TRP A 167 14.06 15.83 13.56
C TRP A 167 13.86 17.10 12.76
N ARG A 168 12.60 17.42 12.42
CA ARG A 168 12.31 18.68 11.76
C ARG A 168 12.63 19.87 12.67
N THR A 169 12.31 19.76 13.95
CA THR A 169 12.64 20.83 14.89
C THR A 169 14.14 21.04 14.98
N ALA A 170 14.91 19.95 15.00
CA ALA A 170 16.37 20.07 15.03
C ALA A 170 16.88 20.71 13.75
N MET A 171 16.34 20.30 12.59
CA MET A 171 16.76 20.90 11.32
C MET A 171 16.33 22.35 11.22
N ASN A 172 15.10 22.67 11.65
CA ASN A 172 14.61 24.05 11.58
C ASN A 172 15.42 24.97 12.47
N GLU A 173 15.78 24.52 13.67
CA GLU A 173 16.58 25.35 14.56
C GLU A 173 17.96 25.64 13.97
N TYR A 174 18.57 24.64 13.34
CA TYR A 174 19.87 24.85 12.70
C TYR A 174 19.77 25.84 11.55
N TYR A 175 18.73 25.73 10.73
CA TYR A 175 18.60 26.61 9.56
C TYR A 175 18.20 28.01 9.97
N MET A 176 17.31 28.15 10.96
CA MET A 176 16.86 29.47 11.40
C MET A 176 17.90 30.22 12.21
N ALA A 177 18.84 29.51 12.83
CA ALA A 177 19.90 30.20 13.58
C ALA A 177 20.78 31.02 12.65
N ASN A 178 21.29 30.38 11.59
CA ASN A 178 22.03 31.09 10.55
C ASN A 178 21.12 31.40 9.36
N TRP A 179 20.02 32.10 9.67
CA TRP A 179 19.06 32.49 8.64
C TRP A 179 19.57 33.65 7.80
N GLN A 180 20.40 34.53 8.39
CA GLN A 180 20.88 35.68 7.64
C GLN A 180 21.76 35.27 6.47
N GLN A 181 22.61 34.26 6.64
CA GLN A 181 23.43 33.78 5.55
C GLN A 181 22.67 32.89 4.59
N LEU A 182 21.59 32.26 5.05
CA LEU A 182 20.72 31.45 4.21
C LEU A 182 19.55 32.23 3.63
N ARG A 183 19.46 33.52 3.94
CA ARG A 183 18.33 34.32 3.47
C ARG A 183 18.35 34.51 1.96
N HIS A 184 19.53 34.70 1.39
CA HIS A 184 19.66 35.07 -0.02
C HIS A 184 19.63 33.87 -0.96
N ILE A 185 19.59 32.65 -0.45
CA ILE A 185 19.57 31.47 -1.31
C ILE A 185 18.19 31.33 -1.94
N GLU A 186 18.16 31.06 -3.24
CA GLU A 186 16.89 30.92 -3.94
C GLU A 186 16.12 29.71 -3.41
N GLY A 187 14.83 29.90 -3.14
CA GLY A 187 14.02 28.83 -2.59
C GLY A 187 14.33 28.47 -1.16
N ALA A 188 14.92 29.40 -0.40
CA ALA A 188 15.31 29.10 0.98
C ALA A 188 14.09 28.78 1.85
N ALA A 189 12.97 29.46 1.61
CA ALA A 189 11.77 29.21 2.40
C ALA A 189 11.27 27.78 2.21
N GLN A 190 11.32 27.27 0.98
CA GLN A 190 10.89 25.89 0.74
C GLN A 190 11.81 24.89 1.44
N ARG A 191 13.12 25.14 1.41
CA ARG A 191 14.06 24.21 2.04
C ARG A 191 13.84 24.14 3.55
N VAL A 192 13.65 25.29 4.19
CA VAL A 192 13.51 25.33 5.63
C VAL A 192 12.17 24.72 6.05
N GLN A 193 11.11 24.98 5.30
CA GLN A 193 9.77 24.54 5.70
C GLN A 193 9.41 23.19 5.09
N GLU A 194 9.38 23.11 3.76
CA GLU A 194 8.87 21.90 3.10
C GLU A 194 9.89 20.76 3.14
N ASP A 195 11.18 21.07 2.95
CA ASP A 195 12.17 20.01 2.82
C ASP A 195 12.54 19.38 4.15
N THR A 196 12.53 20.15 5.25
CA THR A 196 12.94 19.60 6.54
C THR A 196 11.98 18.51 7.01
N MET A 197 10.67 18.73 6.85
CA MET A 197 9.70 17.70 7.20
C MET A 197 9.75 16.55 6.20
N ARG A 198 9.89 16.86 4.92
CA ARG A 198 9.92 15.82 3.90
C ARG A 198 11.15 14.94 4.06
N PHE A 199 12.31 15.54 4.35
CA PHE A 199 13.53 14.76 4.52
C PHE A 199 13.42 13.83 5.73
N ALA A 200 12.90 14.34 6.85
CA ALA A 200 12.77 13.53 8.05
C ALA A 200 11.74 12.42 7.87
N SER A 201 10.58 12.75 7.30
CA SER A 201 9.54 11.76 7.12
C SER A 201 9.95 10.68 6.12
N THR A 202 10.57 11.09 5.02
CA THR A 202 10.96 10.13 3.98
C THR A 202 12.09 9.23 4.46
N LEU A 203 13.13 9.82 5.07
CA LEU A 203 14.28 9.04 5.51
C LEU A 203 13.90 8.05 6.60
N GLU A 204 13.06 8.47 7.55
CA GLU A 204 12.64 7.58 8.63
C GLU A 204 11.75 6.46 8.10
N ASN A 205 10.91 6.77 7.11
CA ASN A 205 9.99 5.77 6.59
C ASN A 205 10.74 4.60 5.94
N MET A 206 11.73 4.91 5.11
CA MET A 206 12.50 3.85 4.46
C MET A 206 13.57 3.28 5.38
N GLY A 207 13.98 4.05 6.38
CA GLY A 207 14.88 3.51 7.39
C GLY A 207 14.24 2.38 8.17
N VAL A 208 12.99 2.57 8.58
CA VAL A 208 12.25 1.51 9.26
C VAL A 208 11.90 0.40 8.27
N SER A 209 11.52 0.76 7.05
CA SER A 209 11.14 -0.23 6.06
C SER A 209 12.31 -1.15 5.71
N PHE A 210 13.51 -0.58 5.61
CA PHE A 210 14.68 -1.39 5.28
C PHE A 210 14.98 -2.40 6.37
N ILE A 211 15.00 -1.95 7.63
CA ILE A 211 15.31 -2.86 8.73
C ILE A 211 14.17 -3.84 8.97
N ASN A 212 12.92 -3.42 8.70
CA ASN A 212 11.79 -4.33 8.86
C ASN A 212 11.87 -5.48 7.87
N ALA A 213 12.30 -5.20 6.63
CA ALA A 213 12.49 -6.26 5.65
C ALA A 213 13.62 -7.20 6.07
N ILE A 214 14.70 -6.64 6.63
CA ILE A 214 15.80 -7.46 7.11
C ILE A 214 15.37 -8.26 8.32
N MET A 215 14.64 -7.63 9.25
CA MET A 215 14.19 -8.33 10.45
C MET A 215 13.22 -9.44 10.11
N THR A 216 12.41 -9.26 9.06
CA THR A 216 11.49 -10.30 8.63
C THR A 216 12.24 -11.55 8.18
N LEU A 217 13.34 -11.35 7.44
CA LEU A 217 14.16 -12.49 7.04
C LEU A 217 14.82 -13.15 8.24
N ILE A 218 15.40 -12.35 9.13
CA ILE A 218 16.12 -12.88 10.27
C ILE A 218 15.17 -13.64 11.19
N ALA A 219 13.96 -13.13 11.38
CA ALA A 219 13.00 -13.78 12.27
C ALA A 219 12.46 -15.07 11.68
N PHE A 220 12.28 -15.14 10.36
CA PHE A 220 11.62 -16.29 9.74
C PHE A 220 12.60 -17.33 9.20
N LEU A 221 13.90 -17.04 9.16
CA LEU A 221 14.85 -18.07 8.75
C LEU A 221 14.90 -19.23 9.73
N PRO A 222 15.00 -19.03 11.05
CA PRO A 222 14.91 -20.19 11.96
C PRO A 222 13.56 -20.89 11.88
N VAL A 223 12.50 -20.15 11.55
CA VAL A 223 11.19 -20.77 11.37
C VAL A 223 11.22 -21.73 10.19
N LEU A 224 11.84 -21.31 9.08
CA LEU A 224 11.85 -22.15 7.88
C LEU A 224 12.82 -23.31 8.03
N VAL A 225 13.85 -23.18 8.85
CA VAL A 225 14.75 -24.30 9.09
C VAL A 225 14.03 -25.44 9.80
N THR A 226 13.19 -25.10 10.78
CA THR A 226 12.40 -26.12 11.46
C THR A 226 11.28 -26.66 10.57
N LEU A 227 10.70 -25.81 9.72
CA LEU A 227 9.64 -26.26 8.83
C LEU A 227 10.15 -27.11 7.68
N SER A 228 11.41 -26.91 7.27
CA SER A 228 11.97 -27.65 6.15
C SER A 228 12.17 -29.13 6.46
N ALA A 229 12.05 -29.54 7.72
CA ALA A 229 12.15 -30.96 8.04
C ALA A 229 10.96 -31.74 7.50
N HIS A 230 9.79 -31.10 7.42
CA HIS A 230 8.58 -31.74 6.90
C HIS A 230 8.47 -31.62 5.39
N VAL A 231 9.40 -30.94 4.73
CA VAL A 231 9.37 -30.79 3.27
C VAL A 231 10.72 -31.24 2.73
N PRO A 232 10.96 -32.55 2.62
CA PRO A 232 12.26 -33.02 2.14
C PRO A 232 12.41 -33.02 0.63
N GLU A 233 11.32 -32.98 -0.13
CA GLU A 233 11.35 -33.07 -1.57
C GLU A 233 10.78 -31.81 -2.21
N LEU A 234 11.44 -31.34 -3.25
CA LEU A 234 11.02 -30.20 -4.04
C LEU A 234 10.64 -30.64 -5.44
N PRO A 235 9.76 -29.89 -6.13
CA PRO A 235 9.18 -30.39 -7.39
C PRO A 235 10.17 -30.77 -8.47
N ILE A 236 10.99 -29.83 -8.91
CA ILE A 236 11.86 -30.04 -10.06
C ILE A 236 13.31 -30.26 -9.65
N ILE A 237 13.75 -29.63 -8.57
CA ILE A 237 15.16 -29.65 -8.19
C ILE A 237 15.42 -30.73 -7.14
N GLY A 238 14.42 -31.57 -6.89
CA GLY A 238 14.61 -32.77 -6.11
C GLY A 238 14.94 -32.53 -4.64
N HIS A 239 15.60 -33.52 -4.05
CA HIS A 239 15.91 -33.49 -2.63
C HIS A 239 17.08 -32.56 -2.35
N ILE A 240 16.90 -31.71 -1.33
CA ILE A 240 17.98 -30.84 -0.84
C ILE A 240 17.96 -30.84 0.67
N PRO A 241 19.15 -30.84 1.29
CA PRO A 241 19.21 -30.83 2.77
C PRO A 241 18.42 -29.69 3.40
N TYR A 242 18.38 -28.52 2.75
CA TYR A 242 17.59 -27.39 3.23
C TYR A 242 16.75 -26.89 2.06
N GLY A 243 15.56 -27.44 1.90
CA GLY A 243 14.70 -27.14 0.77
C GLY A 243 14.02 -25.78 0.84
N LEU A 244 13.15 -25.59 1.83
CA LEU A 244 12.38 -24.36 1.92
C LEU A 244 13.29 -23.15 2.15
N VAL A 245 14.32 -23.30 2.97
CA VAL A 245 15.19 -22.18 3.31
C VAL A 245 15.90 -21.66 2.07
N ILE A 246 16.43 -22.56 1.25
CA ILE A 246 17.13 -22.14 0.03
C ILE A 246 16.16 -21.54 -0.97
N ALA A 247 15.02 -22.21 -1.19
CA ALA A 247 14.06 -21.74 -2.17
C ALA A 247 13.47 -20.39 -1.79
N ALA A 248 13.15 -20.20 -0.51
CA ALA A 248 12.60 -18.93 -0.07
C ALA A 248 13.61 -17.81 -0.21
N ILE A 249 14.88 -18.08 0.14
CA ILE A 249 15.92 -17.06 0.03
C ILE A 249 16.15 -16.70 -1.43
N VAL A 250 16.22 -17.72 -2.30
CA VAL A 250 16.44 -17.47 -3.71
C VAL A 250 15.28 -16.70 -4.32
N TRP A 251 14.05 -17.12 -4.03
CA TRP A 251 12.88 -16.45 -4.58
C TRP A 251 12.76 -15.02 -4.10
N SER A 252 13.01 -14.80 -2.80
CA SER A 252 12.84 -13.47 -2.22
C SER A 252 13.97 -12.54 -2.65
N LEU A 253 15.21 -12.90 -2.34
CA LEU A 253 16.34 -12.00 -2.56
C LEU A 253 16.61 -11.80 -4.05
N MET A 254 16.70 -12.89 -4.81
CA MET A 254 16.96 -12.76 -6.25
C MET A 254 15.76 -12.14 -6.96
N GLY A 255 14.54 -12.49 -6.52
CA GLY A 255 13.37 -11.85 -7.10
C GLY A 255 13.33 -10.35 -6.83
N THR A 256 13.65 -9.95 -5.59
CA THR A 256 13.80 -8.54 -5.29
C THR A 256 15.00 -7.95 -6.01
N GLY A 257 16.10 -8.70 -6.08
CA GLY A 257 17.28 -8.21 -6.77
C GLY A 257 17.09 -8.06 -8.26
N LEU A 258 16.39 -9.02 -8.88
CA LEU A 258 16.18 -8.96 -10.32
C LEU A 258 15.29 -7.80 -10.71
N LEU A 259 14.28 -7.47 -9.90
CA LEU A 259 13.42 -6.33 -10.19
C LEU A 259 14.22 -5.03 -10.17
N ALA A 260 15.18 -4.92 -9.25
CA ALA A 260 16.06 -3.75 -9.25
C ALA A 260 16.93 -3.73 -10.50
N VAL A 261 17.35 -4.91 -10.98
CA VAL A 261 18.14 -4.98 -12.20
C VAL A 261 17.31 -4.57 -13.41
N VAL A 262 16.04 -4.99 -13.45
CA VAL A 262 15.17 -4.61 -14.56
C VAL A 262 14.91 -3.10 -14.54
N GLY A 263 14.73 -2.53 -13.36
CA GLY A 263 14.46 -1.11 -13.24
C GLY A 263 15.69 -0.28 -12.90
N ILE A 264 16.83 -0.59 -13.52
CA ILE A 264 18.03 0.20 -13.29
C ILE A 264 17.89 1.58 -13.91
N LYS A 265 17.29 1.66 -15.10
CA LYS A 265 17.15 2.94 -15.78
C LYS A 265 16.06 3.82 -15.19
N LEU A 266 15.17 3.25 -14.38
CA LEU A 266 14.06 4.05 -13.84
C LEU A 266 14.51 5.20 -12.94
N PRO A 267 15.43 5.01 -11.98
CA PRO A 267 15.88 6.17 -11.19
C PRO A 267 16.51 7.27 -12.05
N GLY A 268 17.23 6.89 -13.11
CA GLY A 268 17.81 7.90 -13.98
C GLY A 268 16.76 8.69 -14.74
N LEU A 269 15.71 8.01 -15.21
CA LEU A 269 14.63 8.69 -15.92
C LEU A 269 13.86 9.62 -15.00
N GLU A 270 13.61 9.18 -13.77
CA GLU A 270 12.89 10.02 -12.81
C GLU A 270 13.68 11.29 -12.49
N PHE A 271 14.99 11.17 -12.36
CA PHE A 271 15.82 12.35 -12.10
C PHE A 271 15.78 13.32 -13.28
N LYS A 272 15.80 12.80 -14.51
CA LYS A 272 15.69 13.66 -15.67
C LYS A 272 14.33 14.31 -15.76
N ASN A 273 13.27 13.58 -15.37
CA ASN A 273 11.94 14.17 -15.36
C ASN A 273 11.87 15.34 -14.38
N GLN A 274 12.57 15.25 -13.26
CA GLN A 274 12.59 16.35 -12.30
C GLN A 274 13.35 17.54 -12.85
N ARG A 275 14.35 17.29 -13.72
CA ARG A 275 15.14 18.39 -14.28
C ARG A 275 14.32 19.18 -15.30
N VAL A 276 13.60 18.48 -16.18
CA VAL A 276 12.83 19.17 -17.20
C VAL A 276 11.64 19.91 -16.58
N GLU A 277 11.02 19.32 -15.56
CA GLU A 277 9.96 20.03 -14.85
C GLU A 277 10.50 21.27 -14.16
N ALA A 278 11.68 21.18 -13.54
CA ALA A 278 12.28 22.32 -12.88
C ALA A 278 12.60 23.43 -13.88
N ALA A 279 13.13 23.05 -15.05
CA ALA A 279 13.42 24.04 -16.09
C ALA A 279 12.16 24.72 -16.57
N TYR A 280 11.08 23.95 -16.75
CA TYR A 280 9.80 24.53 -17.14
C TYR A 280 9.28 25.48 -16.07
N ARG A 281 9.37 25.07 -14.80
CA ARG A 281 8.94 25.93 -13.70
C ARG A 281 9.83 27.15 -13.58
N LYS A 282 11.14 26.98 -13.78
CA LYS A 282 12.07 28.09 -13.62
C LYS A 282 11.79 29.20 -14.62
N GLU A 283 11.49 28.83 -15.87
CA GLU A 283 11.13 29.83 -16.87
C GLU A 283 9.83 30.53 -16.50
N LEU A 284 8.85 29.78 -15.98
CA LEU A 284 7.58 30.40 -15.59
C LEU A 284 7.79 31.40 -14.46
N VAL A 285 8.67 31.09 -13.52
CA VAL A 285 8.97 32.01 -12.43
C VAL A 285 9.57 33.30 -12.97
N TYR A 286 10.52 33.18 -13.89
CA TYR A 286 11.13 34.36 -14.50
C TYR A 286 10.09 35.19 -15.26
N GLY A 287 9.19 34.52 -15.97
CA GLY A 287 8.18 35.22 -16.74
C GLY A 287 7.04 35.79 -15.93
N GLU A 288 6.98 35.52 -14.63
CA GLU A 288 5.90 36.06 -13.80
C GLU A 288 5.96 37.58 -13.74
N ASP A 289 7.15 38.16 -13.84
CA ASP A 289 7.33 39.61 -13.79
C ASP A 289 7.75 40.18 -15.13
N ASP A 290 8.81 39.67 -15.74
CA ASP A 290 9.25 40.16 -17.03
C ASP A 290 8.26 39.75 -18.12
N ALA A 291 7.93 40.71 -18.99
CA ALA A 291 6.99 40.45 -20.08
C ALA A 291 7.65 39.81 -21.30
N THR A 292 8.98 39.80 -21.37
CA THR A 292 9.68 39.18 -22.49
C THR A 292 10.05 37.74 -22.23
N ARG A 293 9.77 37.22 -21.04
CA ARG A 293 10.07 35.83 -20.69
C ARG A 293 8.79 35.00 -20.71
N ALA A 294 8.96 33.68 -20.68
CA ALA A 294 7.86 32.72 -20.74
C ALA A 294 7.00 32.97 -21.97
N THR A 295 7.64 33.27 -23.09
CA THR A 295 6.95 33.54 -24.34
C THR A 295 6.34 32.25 -24.89
N PRO A 296 5.33 32.37 -25.75
CA PRO A 296 4.70 31.17 -26.33
C PRO A 296 5.70 30.21 -26.97
N PRO A 297 6.59 30.67 -27.86
CA PRO A 297 7.52 29.69 -28.46
C PRO A 297 8.61 29.22 -27.49
N THR A 298 8.78 29.87 -26.35
CA THR A 298 9.71 29.39 -25.33
C THR A 298 9.10 28.29 -24.48
N VAL A 299 7.90 28.52 -23.93
CA VAL A 299 7.22 27.52 -23.13
C VAL A 299 6.75 26.33 -23.94
N ARG A 300 6.66 26.47 -25.26
CA ARG A 300 6.25 25.35 -26.11
C ARG A 300 7.33 24.27 -26.16
N GLU A 301 8.59 24.68 -26.30
CA GLU A 301 9.68 23.71 -26.32
C GLU A 301 9.92 23.09 -24.95
N LEU A 302 9.75 23.89 -23.89
CA LEU A 302 9.99 23.39 -22.54
C LEU A 302 8.98 22.31 -22.17
N PHE A 303 7.70 22.50 -22.52
CA PHE A 303 6.72 21.47 -22.24
C PHE A 303 6.88 20.27 -23.17
N SER A 304 7.40 20.49 -24.38
CA SER A 304 7.72 19.38 -25.25
C SER A 304 8.81 18.50 -24.65
N ALA A 305 9.81 19.11 -24.02
CA ALA A 305 10.81 18.34 -23.30
C ALA A 305 10.20 17.61 -22.11
N VAL A 306 9.25 18.25 -21.43
CA VAL A 306 8.54 17.60 -20.33
C VAL A 306 7.73 16.41 -20.85
N ARG A 307 7.02 16.62 -21.96
CA ARG A 307 6.20 15.54 -22.52
C ARG A 307 7.07 14.40 -23.04
N LYS A 308 8.17 14.74 -23.72
CA LYS A 308 9.02 13.71 -24.32
C LYS A 308 9.66 12.82 -23.26
N ASN A 309 10.15 13.42 -22.17
CA ASN A 309 10.80 12.63 -21.12
C ASN A 309 9.79 11.84 -20.30
N TYR A 310 8.59 12.42 -20.07
CA TYR A 310 7.55 11.68 -19.39
C TYR A 310 7.11 10.47 -20.21
N PHE A 311 6.97 10.65 -21.52
CA PHE A 311 6.59 9.53 -22.38
C PHE A 311 7.66 8.44 -22.37
N ARG A 312 8.93 8.83 -22.21
CA ARG A 312 10.00 7.86 -22.09
C ARG A 312 9.91 7.07 -20.79
N LEU A 313 9.53 7.74 -19.70
CA LEU A 313 9.38 7.05 -18.42
C LEU A 313 8.24 6.03 -18.49
N TYR A 314 7.12 6.40 -19.12
CA TYR A 314 6.00 5.48 -19.23
C TYR A 314 6.38 4.24 -20.03
N PHE A 315 7.19 4.42 -21.07
CA PHE A 315 7.58 3.29 -21.92
C PHE A 315 8.52 2.34 -21.17
N HIS A 316 9.50 2.89 -20.46
CA HIS A 316 10.43 2.04 -19.72
C HIS A 316 9.77 1.41 -18.51
N TYR A 317 8.89 2.15 -17.84
CA TYR A 317 8.18 1.60 -16.69
C TYR A 317 7.24 0.48 -17.09
N MET A 318 6.95 0.34 -18.38
CA MET A 318 6.12 -0.77 -18.85
C MET A 318 6.84 -2.10 -18.68
N TYR A 319 8.14 -2.14 -18.97
CA TYR A 319 8.91 -3.36 -18.73
C TYR A 319 8.99 -3.68 -17.24
N PHE A 320 9.15 -2.65 -16.41
CA PHE A 320 9.16 -2.87 -14.96
C PHE A 320 7.82 -3.42 -14.48
N ASN A 321 6.71 -2.91 -15.05
CA ASN A 321 5.40 -3.43 -14.72
C ASN A 321 5.26 -4.90 -15.12
N ILE A 322 5.81 -5.26 -16.29
CA ILE A 322 5.73 -6.65 -16.74
C ILE A 322 6.44 -7.57 -15.75
N ALA A 323 7.64 -7.16 -15.32
CA ALA A 323 8.40 -7.99 -14.39
C ALA A 323 7.79 -7.98 -13.00
N ARG A 324 7.34 -6.81 -12.55
CA ARG A 324 6.81 -6.69 -11.19
C ARG A 324 5.50 -7.44 -11.03
N ILE A 325 4.55 -7.24 -11.96
CA ILE A 325 3.24 -7.86 -11.83
C ILE A 325 3.34 -9.37 -12.03
N LEU A 326 4.17 -9.81 -12.98
CA LEU A 326 4.35 -11.24 -13.19
C LEU A 326 4.96 -11.90 -11.95
N TYR A 327 5.92 -11.23 -11.31
CA TYR A 327 6.50 -11.76 -10.09
C TYR A 327 5.46 -11.87 -8.98
N LEU A 328 4.58 -10.87 -8.86
CA LEU A 328 3.55 -10.90 -7.84
C LEU A 328 2.55 -12.03 -8.08
N GLN A 329 2.13 -12.24 -9.33
CA GLN A 329 1.15 -13.28 -9.62
C GLN A 329 1.73 -14.67 -9.35
N VAL A 330 2.97 -14.90 -9.75
CA VAL A 330 3.60 -16.19 -9.48
C VAL A 330 3.85 -16.37 -7.99
N ASP A 331 4.16 -15.29 -7.28
CA ASP A 331 4.40 -15.38 -5.84
C ASP A 331 3.15 -15.84 -5.09
N ASN A 332 1.96 -15.61 -5.65
CA ASN A 332 0.73 -16.07 -5.01
C ASN A 332 0.62 -17.59 -5.00
N VAL A 333 1.31 -18.28 -5.90
CA VAL A 333 1.22 -19.73 -6.02
C VAL A 333 2.56 -20.42 -5.78
N PHE A 334 3.65 -19.65 -5.69
CA PHE A 334 4.96 -20.26 -5.48
C PHE A 334 5.04 -20.96 -4.13
N GLY A 335 4.44 -20.37 -3.10
CA GLY A 335 4.47 -21.00 -1.78
C GLY A 335 3.83 -22.38 -1.77
N LEU A 336 2.70 -22.51 -2.47
CA LEU A 336 2.05 -23.81 -2.58
C LEU A 336 2.76 -24.72 -3.57
N PHE A 337 3.44 -24.14 -4.56
CA PHE A 337 4.12 -24.96 -5.56
C PHE A 337 5.23 -25.81 -4.94
N LEU A 338 5.98 -25.23 -3.99
CA LEU A 338 7.05 -25.96 -3.34
C LEU A 338 6.52 -27.13 -2.50
N LEU A 339 5.27 -27.08 -2.08
CA LEU A 339 4.69 -28.09 -1.20
C LEU A 339 3.95 -29.19 -1.95
N PHE A 340 3.95 -29.16 -3.29
CA PHE A 340 3.19 -30.16 -4.05
C PHE A 340 3.69 -31.59 -3.82
N PRO A 341 4.99 -31.89 -3.87
CA PRO A 341 5.40 -33.27 -3.55
C PRO A 341 5.04 -33.69 -2.13
N SER A 342 5.09 -32.76 -1.17
CA SER A 342 4.76 -33.11 0.21
C SER A 342 3.26 -33.25 0.40
N ILE A 343 2.48 -32.41 -0.27
CA ILE A 343 1.02 -32.51 -0.17
C ILE A 343 0.54 -33.85 -0.75
N VAL A 344 1.10 -34.23 -1.91
CA VAL A 344 0.70 -35.48 -2.54
C VAL A 344 1.10 -36.67 -1.67
N ALA A 345 2.33 -36.65 -1.15
CA ALA A 345 2.82 -37.75 -0.32
C ALA A 345 2.15 -37.79 1.05
N GLY A 346 1.41 -36.75 1.43
CA GLY A 346 0.77 -36.71 2.74
C GLY A 346 1.74 -36.64 3.90
N THR A 347 2.81 -35.85 3.77
CA THR A 347 3.78 -35.70 4.84
C THR A 347 3.57 -34.43 5.65
N ILE A 348 2.65 -33.56 5.25
CA ILE A 348 2.37 -32.32 5.98
C ILE A 348 0.87 -32.24 6.23
N THR A 349 0.50 -31.42 7.21
CA THR A 349 -0.88 -31.17 7.56
C THR A 349 -1.31 -29.82 7.01
N LEU A 350 -2.60 -29.50 7.18
CA LEU A 350 -3.11 -28.21 6.72
C LEU A 350 -2.50 -27.06 7.50
N GLY A 351 -2.19 -27.26 8.78
CA GLY A 351 -1.54 -26.22 9.54
C GLY A 351 -0.13 -25.93 9.05
N LEU A 352 0.64 -26.99 8.79
CA LEU A 352 1.98 -26.82 8.25
C LEU A 352 1.93 -26.21 6.85
N MET A 353 0.97 -26.63 6.04
CA MET A 353 0.80 -26.05 4.71
C MET A 353 0.48 -24.56 4.80
N THR A 354 -0.40 -24.19 5.73
CA THR A 354 -0.76 -22.78 5.86
C THR A 354 0.33 -21.99 6.56
N GLN A 355 1.03 -22.60 7.52
CA GLN A 355 2.12 -21.90 8.20
C GLN A 355 3.25 -21.58 7.24
N ILE A 356 3.64 -22.54 6.40
CA ILE A 356 4.70 -22.30 5.43
C ILE A 356 4.27 -21.25 4.42
N THR A 357 3.03 -21.35 3.93
CA THR A 357 2.53 -20.35 3.00
C THR A 357 2.43 -18.97 3.65
N ASN A 358 2.10 -18.91 4.93
CA ASN A 358 2.06 -17.64 5.62
C ASN A 358 3.45 -17.04 5.78
N VAL A 359 4.46 -17.88 6.02
CA VAL A 359 5.84 -17.40 6.13
C VAL A 359 6.25 -16.71 4.84
N PHE A 360 5.94 -17.32 3.70
CA PHE A 360 6.21 -16.69 2.41
C PHE A 360 5.41 -15.39 2.26
N GLY A 361 4.15 -15.39 2.73
CA GLY A 361 3.34 -14.20 2.62
C GLY A 361 3.85 -13.04 3.47
N GLN A 362 4.28 -13.34 4.70
CA GLN A 362 4.83 -12.28 5.55
C GLN A 362 6.13 -11.73 4.99
N VAL A 363 7.00 -12.60 4.48
CA VAL A 363 8.21 -12.15 3.82
C VAL A 363 7.88 -11.36 2.57
N ARG A 364 6.89 -11.83 1.81
CA ARG A 364 6.46 -11.11 0.61
C ARG A 364 5.93 -9.73 0.96
N GLY A 365 5.07 -9.65 1.99
CA GLY A 365 4.51 -8.36 2.37
C GLY A 365 5.56 -7.37 2.85
N ALA A 366 6.55 -7.87 3.61
CA ALA A 366 7.63 -7.00 4.06
C ALA A 366 8.44 -6.47 2.89
N PHE A 367 8.72 -7.31 1.90
CA PHE A 367 9.49 -6.88 0.75
C PHE A 367 8.67 -6.04 -0.22
N GLN A 368 7.35 -6.24 -0.27
CA GLN A 368 6.52 -5.43 -1.15
C GLN A 368 6.55 -3.96 -0.75
N TYR A 369 6.57 -3.68 0.55
CA TYR A 369 6.73 -2.29 1.00
C TYR A 369 8.05 -1.70 0.55
N LEU A 370 9.09 -2.53 0.48
CA LEU A 370 10.39 -2.06 0.00
C LEU A 370 10.39 -1.82 -1.50
N ILE A 371 9.77 -2.73 -2.27
CA ILE A 371 9.70 -2.56 -3.72
C ILE A 371 8.87 -1.34 -4.08
N ASN A 372 7.71 -1.17 -3.44
CA ASN A 372 6.84 -0.04 -3.72
C ASN A 372 7.42 1.28 -3.24
N SER A 373 8.49 1.26 -2.45
CA SER A 373 9.13 2.47 -1.96
C SER A 373 10.32 2.91 -2.82
N TRP A 374 10.50 2.29 -4.00
CA TRP A 374 11.57 2.73 -4.88
C TRP A 374 11.33 4.15 -5.38
N THR A 375 10.07 4.49 -5.64
CA THR A 375 9.75 5.88 -5.97
C THR A 375 10.04 6.80 -4.79
N THR A 376 9.79 6.32 -3.57
CA THR A 376 10.09 7.10 -2.38
C THR A 376 11.60 7.34 -2.26
N LEU A 377 12.41 6.35 -2.63
CA LEU A 377 13.85 6.51 -2.56
C LEU A 377 14.34 7.59 -3.52
N VAL A 378 13.76 7.64 -4.72
CA VAL A 378 14.15 8.67 -5.68
C VAL A 378 13.80 10.06 -5.14
N GLU A 379 12.67 10.16 -4.45
CA GLU A 379 12.30 11.44 -3.84
C GLU A 379 13.29 11.86 -2.77
N LEU A 380 13.75 10.91 -1.95
CA LEU A 380 14.67 11.25 -0.88
C LEU A 380 16.01 11.76 -1.40
N MET A 381 16.53 11.13 -2.45
CA MET A 381 17.79 11.59 -3.04
C MET A 381 17.64 13.00 -3.61
N SER A 382 16.50 13.30 -4.21
CA SER A 382 16.24 14.64 -4.70
C SER A 382 16.21 15.65 -3.55
N ILE A 383 15.54 15.29 -2.46
CA ILE A 383 15.47 16.19 -1.30
C ILE A 383 16.86 16.40 -0.70
N TYR A 384 17.63 15.32 -0.56
CA TYR A 384 18.95 15.42 0.05
C TYR A 384 19.87 16.31 -0.77
N LYS A 385 19.84 16.19 -2.10
CA LYS A 385 20.67 17.04 -2.94
C LYS A 385 20.31 18.52 -2.79
N ARG A 386 19.01 18.81 -2.72
CA ARG A 386 18.58 20.19 -2.52
C ARG A 386 19.06 20.72 -1.17
N LEU A 387 18.96 19.90 -0.12
CA LEU A 387 19.42 20.32 1.20
C LEU A 387 20.95 20.42 1.25
N ARG A 388 21.64 19.48 0.60
CA ARG A 388 23.10 19.52 0.58
C ARG A 388 23.60 20.77 -0.13
N SER A 389 22.99 21.11 -1.26
CA SER A 389 23.33 22.36 -1.94
C SER A 389 22.95 23.56 -1.09
N PHE A 390 21.83 23.46 -0.37
CA PHE A 390 21.41 24.55 0.51
C PHE A 390 22.43 24.77 1.63
N GLU A 391 22.96 23.69 2.20
CA GLU A 391 23.98 23.83 3.25
C GLU A 391 25.34 24.21 2.68
N HIS A 392 25.64 23.76 1.45
CA HIS A 392 26.91 24.11 0.83
C HIS A 392 27.03 25.61 0.62
N GLU A 393 25.93 26.26 0.22
CA GLU A 393 25.94 27.72 0.08
C GLU A 393 26.19 28.40 1.42
N LEU A 394 25.73 27.79 2.50
CA LEU A 394 25.98 28.34 3.83
C LEU A 394 27.47 28.36 4.15
N ASP A 395 28.18 27.29 3.82
CA ASP A 395 29.61 27.16 4.07
C ASP A 395 29.96 27.40 5.55
N PHE B 3 -11.38 20.73 -15.60
CA PHE B 3 -12.61 20.03 -15.90
C PHE B 3 -13.19 20.48 -17.24
N LYS B 4 -13.54 21.77 -17.32
CA LYS B 4 -14.13 22.30 -18.54
C LYS B 4 -13.15 22.28 -19.71
N SER B 5 -11.85 22.34 -19.42
CA SER B 5 -10.84 22.30 -20.47
C SER B 5 -10.66 20.91 -21.06
N PHE B 6 -10.82 19.86 -20.24
CA PHE B 6 -10.65 18.49 -20.71
C PHE B 6 -11.98 17.88 -21.14
N PHE B 7 -12.93 17.81 -20.21
CA PHE B 7 -14.23 17.22 -20.49
C PHE B 7 -15.15 18.24 -21.17
N PRO B 8 -16.26 17.76 -21.75
CA PRO B 8 -17.33 18.70 -22.14
C PRO B 8 -17.98 19.31 -20.90
N LYS B 9 -19.05 20.08 -21.07
CA LYS B 9 -19.68 20.83 -19.98
C LYS B 9 -19.82 19.97 -18.73
N PRO B 10 -19.02 20.23 -17.70
CA PRO B 10 -18.99 19.32 -16.54
C PRO B 10 -20.31 19.22 -15.80
N GLY B 11 -21.12 20.28 -15.81
CA GLY B 11 -22.39 20.23 -15.12
C GLY B 11 -23.34 19.20 -15.71
N THR B 12 -23.38 19.11 -17.04
CA THR B 12 -24.29 18.20 -17.71
C THR B 12 -23.62 16.90 -18.14
N PHE B 13 -22.34 16.93 -18.48
CA PHE B 13 -21.66 15.74 -18.97
C PHE B 13 -21.63 14.64 -17.91
N PHE B 14 -21.28 15.00 -16.68
CA PHE B 14 -21.19 14.01 -15.62
C PHE B 14 -22.57 13.56 -15.17
N LEU B 15 -23.54 14.48 -15.14
CA LEU B 15 -24.91 14.09 -14.82
C LEU B 15 -25.49 13.17 -15.89
N SER B 16 -25.26 13.49 -17.16
CA SER B 16 -25.74 12.63 -18.24
C SER B 16 -25.07 11.27 -18.22
N ALA B 17 -23.76 11.24 -17.94
CA ALA B 17 -23.04 9.98 -17.87
C ALA B 17 -23.58 9.10 -16.75
N PHE B 18 -23.85 9.68 -15.58
CA PHE B 18 -24.40 8.92 -14.48
C PHE B 18 -25.80 8.42 -14.79
N VAL B 19 -26.63 9.26 -15.41
CA VAL B 19 -27.99 8.85 -15.76
C VAL B 19 -27.97 7.78 -16.84
N TRP B 20 -27.15 7.97 -17.88
CA TRP B 20 -27.08 6.99 -18.97
C TRP B 20 -26.52 5.67 -18.47
N ALA B 21 -25.52 5.71 -17.59
CA ALA B 21 -25.00 4.48 -17.00
C ALA B 21 -26.07 3.79 -16.16
N LEU B 22 -26.85 4.56 -15.40
CA LEU B 22 -27.89 3.98 -14.58
C LEU B 22 -28.95 3.28 -15.42
N ILE B 23 -29.35 3.91 -16.54
CA ILE B 23 -30.33 3.29 -17.43
C ILE B 23 -29.74 2.02 -18.05
N ALA B 24 -28.48 2.10 -18.48
CA ALA B 24 -27.83 0.94 -19.08
C ALA B 24 -27.67 -0.19 -18.06
N VAL B 25 -27.30 0.15 -16.83
CA VAL B 25 -27.16 -0.87 -15.79
C VAL B 25 -28.52 -1.48 -15.46
N ILE B 26 -29.54 -0.65 -15.31
CA ILE B 26 -30.87 -1.15 -14.95
C ILE B 26 -31.42 -2.04 -16.06
N PHE B 27 -31.30 -1.60 -17.31
CA PHE B 27 -31.83 -2.37 -18.43
C PHE B 27 -31.11 -3.72 -18.56
N TRP B 28 -29.78 -3.72 -18.42
CA TRP B 28 -29.02 -4.95 -18.57
C TRP B 28 -29.30 -5.92 -17.44
N GLN B 29 -29.29 -5.44 -16.20
CA GLN B 29 -29.40 -6.32 -15.04
C GLN B 29 -30.81 -6.85 -14.83
N ALA B 30 -31.83 -6.24 -15.45
CA ALA B 30 -33.21 -6.68 -15.30
C ALA B 30 -33.68 -7.55 -16.46
N GLY B 31 -33.67 -7.00 -17.66
CA GLY B 31 -34.13 -7.76 -18.82
C GLY B 31 -33.13 -7.84 -19.95
N GLY B 32 -32.22 -6.86 -20.03
CA GLY B 32 -31.32 -6.77 -21.17
C GLY B 32 -30.36 -7.94 -21.26
N GLY B 33 -29.82 -8.37 -20.11
CA GLY B 33 -28.83 -9.44 -20.13
C GLY B 33 -29.38 -10.74 -20.67
N ASP B 34 -30.58 -11.12 -20.24
CA ASP B 34 -31.16 -12.38 -20.70
C ASP B 34 -31.73 -12.25 -22.10
N TRP B 35 -32.32 -11.10 -22.44
CA TRP B 35 -32.96 -10.95 -23.74
C TRP B 35 -31.93 -10.95 -24.87
N VAL B 36 -30.78 -10.33 -24.66
CA VAL B 36 -29.73 -10.35 -25.67
C VAL B 36 -29.12 -11.75 -25.78
N ALA B 37 -28.93 -12.42 -24.64
CA ALA B 37 -28.35 -13.75 -24.66
C ALA B 37 -29.25 -14.75 -25.39
N ARG B 38 -30.56 -14.62 -25.24
CA ARG B 38 -31.49 -15.51 -25.92
C ARG B 38 -31.38 -15.37 -27.43
N ILE B 39 -31.24 -14.14 -27.92
CA ILE B 39 -31.11 -13.92 -29.37
C ILE B 39 -29.81 -14.54 -29.88
N THR B 40 -28.72 -14.30 -29.15
CA THR B 40 -27.42 -14.84 -29.58
C THR B 40 -27.31 -16.34 -29.31
N GLY B 41 -27.93 -16.83 -28.24
CA GLY B 41 -27.87 -18.24 -27.91
C GLY B 41 -26.60 -18.60 -27.14
N ALA B 42 -26.41 -17.96 -26.00
CA ALA B 42 -25.23 -18.19 -25.16
C ALA B 42 -25.65 -18.86 -23.86
N SER B 43 -25.05 -20.00 -23.55
CA SER B 43 -25.32 -20.70 -22.31
C SER B 43 -24.68 -19.98 -21.13
N GLY B 44 -25.26 -20.16 -19.96
CA GLY B 44 -24.78 -19.51 -18.76
C GLY B 44 -23.59 -20.15 -18.08
N GLN B 45 -23.09 -21.26 -18.62
CA GLN B 45 -21.96 -21.97 -18.02
C GLN B 45 -20.68 -21.21 -18.33
N ILE B 46 -20.16 -20.50 -17.33
CA ILE B 46 -18.93 -19.72 -17.47
C ILE B 46 -17.76 -20.61 -17.09
N PRO B 47 -16.79 -20.84 -17.98
CA PRO B 47 -15.63 -21.66 -17.60
C PRO B 47 -14.81 -20.98 -16.52
N ILE B 48 -14.20 -21.81 -15.66
CA ILE B 48 -13.34 -21.30 -14.61
C ILE B 48 -11.96 -20.91 -15.12
N SER B 49 -11.55 -21.46 -16.26
CA SER B 49 -10.22 -21.19 -16.81
C SER B 49 -10.17 -19.78 -17.39
N ALA B 50 -9.07 -19.45 -18.06
CA ALA B 50 -8.87 -18.12 -18.63
C ALA B 50 -9.63 -17.92 -19.94
N ALA B 51 -10.28 -18.94 -20.46
CA ALA B 51 -11.02 -18.84 -21.72
C ALA B 51 -12.41 -18.24 -21.54
N ARG B 52 -12.81 -17.92 -20.31
CA ARG B 52 -14.12 -17.32 -20.09
C ARG B 52 -14.18 -15.88 -20.57
N PHE B 53 -13.03 -15.23 -20.75
CA PHE B 53 -13.01 -13.81 -21.11
C PHE B 53 -13.28 -13.56 -22.59
N TRP B 54 -13.23 -14.59 -23.42
CA TRP B 54 -13.63 -14.47 -24.83
C TRP B 54 -14.74 -15.46 -25.16
N SER B 55 -15.51 -15.87 -24.15
CA SER B 55 -16.68 -16.70 -24.38
C SER B 55 -17.83 -15.85 -24.89
N LEU B 56 -18.92 -16.51 -25.29
CA LEU B 56 -20.05 -15.79 -25.86
C LEU B 56 -20.69 -14.85 -24.86
N ASP B 57 -20.76 -15.26 -23.59
CA ASP B 57 -21.35 -14.41 -22.56
C ASP B 57 -20.56 -13.14 -22.35
N PHE B 58 -19.22 -13.25 -22.34
CA PHE B 58 -18.39 -12.06 -22.16
C PHE B 58 -18.32 -11.24 -23.42
N LEU B 59 -18.33 -11.88 -24.59
CA LEU B 59 -18.32 -11.15 -25.85
C LEU B 59 -19.58 -10.31 -26.02
N ILE B 60 -20.72 -10.83 -25.55
CA ILE B 60 -21.96 -10.09 -25.62
C ILE B 60 -21.88 -8.81 -24.78
N PHE B 61 -21.29 -8.90 -23.59
CA PHE B 61 -21.16 -7.71 -22.74
C PHE B 61 -20.18 -6.72 -23.35
N TYR B 62 -19.16 -7.20 -24.05
CA TYR B 62 -18.24 -6.30 -24.73
C TYR B 62 -18.95 -5.47 -25.78
N ALA B 63 -19.83 -6.11 -26.56
CA ALA B 63 -20.59 -5.40 -27.57
C ALA B 63 -21.59 -4.44 -26.94
N TYR B 64 -22.23 -4.87 -25.84
CA TYR B 64 -23.21 -4.02 -25.18
C TYR B 64 -22.55 -2.76 -24.60
N TYR B 65 -21.39 -2.93 -23.98
CA TYR B 65 -20.67 -1.78 -23.43
C TYR B 65 -20.22 -0.83 -24.54
N ILE B 66 -19.78 -1.39 -25.67
CA ILE B 66 -19.33 -0.56 -26.79
C ILE B 66 -20.50 0.25 -27.34
N VAL B 67 -21.67 -0.38 -27.50
CA VAL B 67 -22.83 0.32 -28.04
C VAL B 67 -23.29 1.41 -27.10
N CYS B 68 -23.36 1.11 -25.79
CA CYS B 68 -23.81 2.10 -24.82
C CYS B 68 -22.84 3.28 -24.77
N VAL B 69 -21.54 3.00 -24.77
CA VAL B 69 -20.55 4.07 -24.81
C VAL B 69 -20.60 4.79 -26.15
N GLY B 70 -20.76 4.05 -27.25
CA GLY B 70 -20.82 4.69 -28.56
C GLY B 70 -22.00 5.63 -28.70
N LEU B 71 -23.18 5.21 -28.24
CA LEU B 71 -24.34 6.08 -28.27
C LEU B 71 -24.13 7.31 -27.40
N PHE B 72 -23.53 7.13 -26.23
CA PHE B 72 -23.18 8.25 -25.37
C PHE B 72 -22.15 9.15 -26.03
N ALA B 73 -21.15 8.55 -26.68
CA ALA B 73 -20.10 9.34 -27.32
C ALA B 73 -20.63 10.11 -28.53
N LEU B 74 -21.43 9.46 -29.38
CA LEU B 74 -21.96 10.12 -30.57
C LEU B 74 -22.84 11.31 -30.20
N PHE B 75 -23.63 11.17 -29.13
CA PHE B 75 -24.47 12.29 -28.70
C PHE B 75 -23.62 13.48 -28.28
N TRP B 76 -22.55 13.24 -27.52
CA TRP B 76 -21.71 14.33 -27.06
C TRP B 76 -20.72 14.80 -28.12
N PHE B 77 -20.50 14.02 -29.18
CA PHE B 77 -19.68 14.49 -30.29
C PHE B 77 -20.44 15.49 -31.14
N ILE B 78 -21.76 15.41 -31.16
CA ILE B 78 -22.56 16.34 -31.95
C ILE B 78 -23.11 17.47 -31.08
N TYR B 79 -23.51 17.17 -29.84
CA TYR B 79 -24.09 18.19 -28.98
C TYR B 79 -23.09 19.31 -28.68
N SER B 80 -21.85 18.95 -28.37
CA SER B 80 -20.81 19.94 -28.05
C SER B 80 -19.45 19.34 -28.36
N PRO B 81 -18.89 19.64 -29.52
CA PRO B 81 -17.56 19.12 -29.85
C PRO B 81 -16.50 19.67 -28.92
N HIS B 82 -15.47 18.86 -28.68
CA HIS B 82 -14.37 19.22 -27.81
C HIS B 82 -13.07 18.72 -28.43
N ARG B 83 -11.98 19.43 -28.13
CA ARG B 83 -10.67 19.01 -28.63
C ARG B 83 -10.25 17.68 -28.02
N TRP B 84 -10.33 17.58 -26.70
CA TRP B 84 -10.02 16.34 -25.99
C TRP B 84 -11.29 15.51 -25.74
N GLN B 85 -12.05 15.24 -26.80
CA GLN B 85 -13.26 14.44 -26.66
C GLN B 85 -13.00 12.95 -26.86
N TYR B 86 -11.93 12.60 -27.58
CA TYR B 86 -11.57 11.19 -27.73
C TYR B 86 -10.77 10.69 -26.52
N TRP B 87 -10.30 11.59 -25.67
CA TRP B 87 -9.60 11.22 -24.44
C TRP B 87 -10.48 11.33 -23.21
N SER B 88 -11.28 12.38 -23.11
CA SER B 88 -12.13 12.55 -21.93
C SER B 88 -13.33 11.61 -21.95
N ILE B 89 -13.94 11.42 -23.11
CA ILE B 89 -15.13 10.59 -23.21
C ILE B 89 -14.74 9.14 -23.47
N LEU B 90 -14.04 8.89 -24.58
CA LEU B 90 -13.69 7.52 -24.93
C LEU B 90 -12.60 6.97 -24.02
N GLY B 91 -11.66 7.82 -23.60
CA GLY B 91 -10.59 7.35 -22.73
C GLY B 91 -11.09 6.91 -21.36
N THR B 92 -12.01 7.69 -20.77
CA THR B 92 -12.59 7.30 -19.49
C THR B 92 -13.39 6.01 -19.59
N ALA B 93 -14.12 5.84 -20.69
CA ALA B 93 -14.86 4.60 -20.90
C ALA B 93 -13.93 3.40 -20.95
N LEU B 94 -12.78 3.56 -21.59
CA LEU B 94 -11.79 2.49 -21.61
C LEU B 94 -11.24 2.23 -20.20
N ILE B 95 -10.96 3.29 -19.44
CA ILE B 95 -10.43 3.12 -18.10
C ILE B 95 -11.45 2.46 -17.19
N ILE B 96 -12.71 2.87 -17.30
CA ILE B 96 -13.78 2.25 -16.51
C ILE B 96 -13.93 0.79 -16.88
N PHE B 97 -13.89 0.48 -18.18
CA PHE B 97 -14.04 -0.90 -18.62
C PHE B 97 -12.89 -1.78 -18.13
N VAL B 98 -11.65 -1.28 -18.22
CA VAL B 98 -10.51 -2.06 -17.76
C VAL B 98 -10.56 -2.24 -16.25
N THR B 99 -11.02 -1.22 -15.52
CA THR B 99 -11.21 -1.37 -14.09
C THR B 99 -12.22 -2.48 -13.77
N TRP B 100 -13.31 -2.53 -14.54
CA TRP B 100 -14.25 -3.64 -14.40
C TRP B 100 -13.62 -4.97 -14.80
N PHE B 101 -12.82 -4.97 -15.87
CA PHE B 101 -12.22 -6.22 -16.34
C PHE B 101 -11.26 -6.80 -15.30
N LEU B 102 -10.45 -5.94 -14.68
CA LEU B 102 -9.53 -6.43 -13.66
C LEU B 102 -10.27 -6.94 -12.43
N VAL B 103 -11.47 -6.42 -12.18
CA VAL B 103 -12.30 -6.94 -11.11
C VAL B 103 -12.84 -8.32 -11.48
N GLU B 104 -13.27 -8.49 -12.73
CA GLU B 104 -13.79 -9.78 -13.16
C GLU B 104 -12.68 -10.82 -13.29
N VAL B 105 -11.43 -10.38 -13.45
CA VAL B 105 -10.31 -11.29 -13.37
C VAL B 105 -10.16 -11.83 -11.95
N GLY B 106 -10.32 -10.94 -10.96
CA GLY B 106 -10.29 -11.38 -9.58
C GLY B 106 -11.43 -12.31 -9.23
N VAL B 107 -12.58 -12.12 -9.86
CA VAL B 107 -13.71 -13.03 -9.65
C VAL B 107 -13.39 -14.39 -10.26
N ALA B 108 -12.72 -14.40 -11.42
CA ALA B 108 -12.29 -15.66 -12.02
C ALA B 108 -11.27 -16.37 -11.15
N VAL B 109 -10.32 -15.60 -10.58
CA VAL B 109 -9.34 -16.18 -9.67
C VAL B 109 -10.04 -16.73 -8.42
N ASN B 110 -11.00 -15.97 -7.88
CA ASN B 110 -11.73 -16.41 -6.71
C ASN B 110 -12.49 -17.70 -6.98
N ALA B 111 -13.09 -17.82 -8.17
CA ALA B 111 -13.79 -19.05 -8.52
C ALA B 111 -12.85 -20.24 -8.66
N TRP B 112 -11.57 -19.99 -8.92
CA TRP B 112 -10.58 -21.05 -9.05
C TRP B 112 -10.14 -21.62 -7.70
N TYR B 113 -10.39 -20.90 -6.60
CA TYR B 113 -10.00 -21.39 -5.28
C TYR B 113 -10.84 -22.56 -4.81
N ALA B 114 -12.03 -22.76 -5.38
CA ALA B 114 -12.89 -23.86 -4.96
C ALA B 114 -12.38 -25.20 -5.48
N PRO B 115 -12.15 -25.37 -6.80
CA PRO B 115 -11.66 -26.68 -7.25
C PRO B 115 -10.24 -26.98 -6.81
N PHE B 116 -9.41 -25.95 -6.65
CA PHE B 116 -8.02 -26.19 -6.26
C PHE B 116 -7.91 -26.68 -4.83
N TYR B 117 -8.58 -26.01 -3.90
CA TYR B 117 -8.47 -26.39 -2.50
C TYR B 117 -9.31 -27.61 -2.16
N ASP B 118 -10.27 -27.95 -3.02
CA ASP B 118 -10.92 -29.26 -2.90
C ASP B 118 -9.98 -30.37 -3.30
N LEU B 119 -9.09 -30.09 -4.26
CA LEU B 119 -8.04 -31.05 -4.61
C LEU B 119 -7.02 -31.18 -3.50
N ILE B 120 -6.66 -30.06 -2.87
CA ILE B 120 -5.72 -30.09 -1.76
C ILE B 120 -6.29 -30.90 -0.59
N GLN B 121 -7.57 -30.69 -0.29
CA GLN B 121 -8.22 -31.45 0.77
C GLN B 121 -8.25 -32.95 0.44
N THR B 122 -8.51 -33.28 -0.83
CA THR B 122 -8.50 -34.67 -1.24
C THR B 122 -7.10 -35.28 -1.09
N ALA B 123 -6.07 -34.54 -1.48
CA ALA B 123 -4.70 -35.05 -1.37
C ALA B 123 -4.30 -35.25 0.08
N LEU B 124 -4.62 -34.28 0.94
CA LEU B 124 -4.25 -34.40 2.35
C LEU B 124 -5.02 -35.50 3.04
N SER B 125 -6.31 -35.67 2.70
CA SER B 125 -7.14 -36.65 3.39
C SER B 125 -6.73 -38.08 3.07
N SER B 126 -6.06 -38.32 1.94
CA SER B 126 -5.67 -39.67 1.53
C SER B 126 -4.29 -39.61 0.88
N PRO B 127 -3.25 -40.08 1.56
CA PRO B 127 -1.93 -40.12 0.93
C PRO B 127 -1.94 -40.91 -0.37
N HIS B 128 -1.19 -40.41 -1.36
CA HIS B 128 -1.03 -41.06 -2.66
C HIS B 128 -2.39 -41.29 -3.34
N LYS B 129 -3.28 -40.31 -3.20
CA LYS B 129 -4.57 -40.34 -3.88
C LYS B 129 -4.65 -39.39 -5.07
N VAL B 130 -4.06 -38.21 -4.96
CA VAL B 130 -4.03 -37.22 -6.03
C VAL B 130 -2.61 -37.12 -6.56
N THR B 131 -2.44 -37.32 -7.86
CA THR B 131 -1.12 -37.24 -8.47
C THR B 131 -0.67 -35.78 -8.57
N ILE B 132 0.64 -35.60 -8.72
CA ILE B 132 1.19 -34.26 -8.83
C ILE B 132 0.84 -33.61 -10.16
N GLU B 133 0.45 -34.40 -11.17
CA GLU B 133 0.08 -33.83 -12.45
C GLU B 133 -1.18 -32.99 -12.36
N GLN B 134 -2.12 -33.40 -11.49
CA GLN B 134 -3.33 -32.62 -11.29
C GLN B 134 -3.02 -31.25 -10.72
N PHE B 135 -2.08 -31.19 -9.76
CA PHE B 135 -1.68 -29.91 -9.19
C PHE B 135 -1.00 -29.02 -10.24
N TYR B 136 -0.21 -29.63 -11.12
CA TYR B 136 0.44 -28.85 -12.18
C TYR B 136 -0.58 -28.25 -13.13
N ARG B 137 -1.62 -29.02 -13.48
CA ARG B 137 -2.65 -28.51 -14.38
C ARG B 137 -3.45 -27.39 -13.72
N GLU B 138 -3.78 -27.55 -12.43
CA GLU B 138 -4.55 -26.52 -11.73
C GLU B 138 -3.78 -25.21 -11.65
N VAL B 139 -2.48 -25.28 -11.38
CA VAL B 139 -1.66 -24.07 -11.40
C VAL B 139 -1.57 -23.50 -12.81
N GLY B 140 -1.54 -24.37 -13.82
CA GLY B 140 -1.56 -23.89 -15.19
C GLY B 140 -2.83 -23.12 -15.52
N VAL B 141 -3.96 -23.53 -14.93
CA VAL B 141 -5.20 -22.79 -15.10
C VAL B 141 -5.08 -21.42 -14.45
N PHE B 142 -4.51 -21.36 -13.25
CA PHE B 142 -4.31 -20.09 -12.57
C PHE B 142 -3.36 -19.19 -13.34
N LEU B 143 -2.28 -19.76 -13.88
CA LEU B 143 -1.33 -18.97 -14.65
C LEU B 143 -1.96 -18.37 -15.89
N GLY B 144 -2.83 -19.11 -16.58
CA GLY B 144 -3.50 -18.56 -17.74
C GLY B 144 -4.29 -17.32 -17.41
N ILE B 145 -5.00 -17.32 -16.29
CA ILE B 145 -5.69 -16.12 -15.83
C ILE B 145 -4.69 -15.04 -15.46
N ALA B 146 -3.54 -15.45 -14.89
CA ALA B 146 -2.53 -14.48 -14.47
C ALA B 146 -1.95 -13.70 -15.64
N LEU B 147 -1.67 -14.38 -16.76
CA LEU B 147 -1.12 -13.69 -17.92
C LEU B 147 -2.10 -12.65 -18.45
N ILE B 148 -3.40 -12.95 -18.46
CA ILE B 148 -4.39 -11.97 -18.85
C ILE B 148 -4.37 -10.80 -17.87
N ALA B 149 -4.27 -11.10 -16.57
CA ALA B 149 -4.16 -10.03 -15.58
C ALA B 149 -2.88 -9.23 -15.76
N VAL B 150 -1.77 -9.92 -16.06
CA VAL B 150 -0.49 -9.22 -16.21
C VAL B 150 -0.52 -8.31 -17.43
N VAL B 151 -1.01 -8.82 -18.57
CA VAL B 151 -0.98 -8.05 -19.80
C VAL B 151 -1.89 -6.83 -19.70
N ILE B 152 -3.10 -7.02 -19.17
CA ILE B 152 -4.06 -5.93 -19.10
C ILE B 152 -3.63 -4.89 -18.08
N SER B 153 -3.12 -5.32 -16.92
CA SER B 153 -2.69 -4.38 -15.90
C SER B 153 -1.51 -3.55 -16.38
N VAL B 154 -0.57 -4.17 -17.10
CA VAL B 154 0.56 -3.44 -17.65
C VAL B 154 0.09 -2.40 -18.66
N LEU B 155 -0.84 -2.80 -19.53
CA LEU B 155 -1.37 -1.87 -20.52
C LEU B 155 -2.29 -0.83 -19.89
N ASN B 156 -2.98 -1.21 -18.81
CA ASN B 156 -3.84 -0.23 -18.13
C ASN B 156 -3.02 0.90 -17.53
N ASN B 157 -1.90 0.58 -16.89
CA ASN B 157 -1.04 1.62 -16.31
C ASN B 157 -0.43 2.49 -17.40
N PHE B 158 -0.13 1.89 -18.56
CA PHE B 158 0.39 2.67 -19.68
C PHE B 158 -0.64 3.68 -20.18
N PHE B 159 -1.89 3.24 -20.33
CA PHE B 159 -2.92 4.14 -20.84
C PHE B 159 -3.34 5.16 -19.78
N VAL B 160 -3.43 4.75 -18.52
CA VAL B 160 -3.82 5.67 -17.46
C VAL B 160 -2.81 6.80 -17.34
N SER B 161 -1.52 6.47 -17.38
CA SER B 161 -0.48 7.51 -17.32
C SER B 161 -0.57 8.44 -18.53
N HIS B 162 -0.79 7.88 -19.71
CA HIS B 162 -0.94 8.72 -20.91
C HIS B 162 -2.23 9.52 -20.85
N TYR B 163 -3.30 8.93 -20.32
CA TYR B 163 -4.54 9.68 -20.17
C TYR B 163 -4.39 10.82 -19.18
N VAL B 164 -3.66 10.59 -18.08
CA VAL B 164 -3.44 11.63 -17.09
C VAL B 164 -2.64 12.79 -17.68
N PHE B 165 -1.63 12.47 -18.49
CA PHE B 165 -0.81 13.53 -19.09
C PHE B 165 -1.61 14.37 -20.07
N ARG B 166 -2.58 13.77 -20.76
CA ARG B 166 -3.45 14.55 -21.63
C ARG B 166 -4.34 15.48 -20.83
N TRP B 167 -4.73 15.07 -19.62
CA TRP B 167 -5.45 15.97 -18.73
C TRP B 167 -4.58 17.16 -18.32
N ARG B 168 -3.31 16.89 -17.99
CA ARG B 168 -2.38 17.97 -17.69
C ARG B 168 -2.12 18.84 -18.91
N THR B 169 -2.00 18.21 -20.08
CA THR B 169 -1.82 18.95 -21.32
C THR B 169 -3.03 19.86 -21.59
N ALA B 170 -4.24 19.36 -21.35
CA ALA B 170 -5.43 20.18 -21.53
C ALA B 170 -5.44 21.34 -20.55
N MET B 171 -5.09 21.08 -19.29
CA MET B 171 -5.05 22.15 -18.30
C MET B 171 -3.94 23.15 -18.60
N ASN B 172 -2.77 22.66 -19.00
CA ASN B 172 -1.65 23.56 -19.28
C ASN B 172 -1.95 24.45 -20.49
N GLU B 173 -2.59 23.91 -21.52
CA GLU B 173 -2.96 24.71 -22.68
C GLU B 173 -3.94 25.81 -22.30
N TYR B 174 -4.91 25.49 -21.44
CA TYR B 174 -5.87 26.50 -21.00
C TYR B 174 -5.20 27.61 -20.22
N TYR B 175 -4.28 27.26 -19.31
CA TYR B 175 -3.64 28.27 -18.48
C TYR B 175 -2.64 29.10 -19.29
N MET B 176 -1.88 28.45 -20.17
CA MET B 176 -0.86 29.16 -20.93
C MET B 176 -1.46 30.05 -22.01
N ALA B 177 -2.67 29.76 -22.47
CA ALA B 177 -3.33 30.64 -23.44
C ALA B 177 -3.59 32.01 -22.84
N ASN B 178 -4.25 32.04 -21.68
CA ASN B 178 -4.45 33.28 -20.92
C ASN B 178 -3.37 33.45 -19.86
N TRP B 179 -2.11 33.37 -20.28
CA TRP B 179 -1.01 33.51 -19.33
C TRP B 179 -0.87 34.94 -18.86
N GLN B 180 -1.10 35.91 -19.75
CA GLN B 180 -0.95 37.31 -19.39
C GLN B 180 -1.94 37.75 -18.31
N GLN B 181 -3.12 37.15 -18.27
CA GLN B 181 -4.08 37.44 -17.22
C GLN B 181 -3.77 36.71 -15.92
N LEU B 182 -3.18 35.51 -16.01
CA LEU B 182 -2.80 34.73 -14.85
C LEU B 182 -1.34 34.95 -14.45
N ARG B 183 -0.63 35.86 -15.11
CA ARG B 183 0.78 36.07 -14.82
C ARG B 183 0.98 36.72 -13.46
N HIS B 184 0.10 37.65 -13.08
CA HIS B 184 0.28 38.41 -11.86
C HIS B 184 -0.20 37.68 -10.61
N ILE B 185 -0.86 36.54 -10.75
CA ILE B 185 -1.32 35.80 -9.58
C ILE B 185 -0.13 35.22 -8.84
N GLU B 186 -0.12 35.36 -7.52
CA GLU B 186 0.97 34.85 -6.71
C GLU B 186 1.02 33.33 -6.77
N GLY B 187 2.21 32.79 -7.00
CA GLY B 187 2.36 31.35 -7.12
C GLY B 187 1.80 30.77 -8.39
N ALA B 188 1.64 31.57 -9.44
CA ALA B 188 1.04 31.10 -10.68
C ALA B 188 1.89 30.02 -11.33
N ALA B 189 3.22 30.11 -11.20
CA ALA B 189 4.10 29.11 -11.80
C ALA B 189 3.86 27.73 -11.18
N GLN B 190 3.66 27.68 -9.86
CA GLN B 190 3.39 26.40 -9.20
C GLN B 190 2.05 25.81 -9.66
N ARG B 191 1.03 26.66 -9.79
CA ARG B 191 -0.29 26.16 -10.18
C ARG B 191 -0.26 25.58 -11.59
N VAL B 192 0.38 26.27 -12.53
CA VAL B 192 0.39 25.82 -13.92
C VAL B 192 1.24 24.56 -14.07
N GLN B 193 2.37 24.49 -13.37
CA GLN B 193 3.30 23.38 -13.54
C GLN B 193 2.97 22.21 -12.61
N GLU B 194 2.97 22.46 -11.30
CA GLU B 194 2.87 21.38 -10.33
C GLU B 194 1.43 20.98 -10.01
N ASP B 195 0.51 21.94 -9.94
CA ASP B 195 -0.85 21.62 -9.55
C ASP B 195 -1.62 20.91 -10.66
N THR B 196 -1.29 21.17 -11.93
CA THR B 196 -2.01 20.55 -13.03
C THR B 196 -1.77 19.04 -13.07
N MET B 197 -0.52 18.61 -12.94
CA MET B 197 -0.24 17.18 -12.88
C MET B 197 -0.75 16.56 -11.60
N ARG B 198 -0.61 17.27 -10.48
CA ARG B 198 -1.10 16.74 -9.20
C ARG B 198 -2.61 16.58 -9.21
N PHE B 199 -3.32 17.57 -9.76
CA PHE B 199 -4.78 17.48 -9.79
C PHE B 199 -5.25 16.31 -10.65
N ALA B 200 -4.63 16.14 -11.83
CA ALA B 200 -5.03 15.07 -12.72
C ALA B 200 -4.68 13.70 -12.14
N SER B 201 -3.46 13.56 -11.62
CA SER B 201 -3.03 12.27 -11.06
C SER B 201 -3.84 11.90 -9.83
N THR B 202 -4.08 12.88 -8.95
CA THR B 202 -4.80 12.59 -7.71
C THR B 202 -6.27 12.28 -7.97
N LEU B 203 -6.92 13.09 -8.80
CA LEU B 203 -8.34 12.90 -9.07
C LEU B 203 -8.59 11.58 -9.79
N GLU B 204 -7.75 11.26 -10.78
CA GLU B 204 -7.93 10.01 -11.52
C GLU B 204 -7.69 8.80 -10.62
N ASN B 205 -6.70 8.90 -9.72
CA ASN B 205 -6.37 7.76 -8.87
C ASN B 205 -7.54 7.40 -7.95
N MET B 206 -8.18 8.40 -7.35
CA MET B 206 -9.30 8.12 -6.46
C MET B 206 -10.58 7.88 -7.23
N GLY B 207 -10.68 8.44 -8.44
CA GLY B 207 -11.82 8.12 -9.29
C GLY B 207 -11.89 6.66 -9.65
N VAL B 208 -10.74 6.07 -10.01
CA VAL B 208 -10.68 4.64 -10.29
C VAL B 208 -10.83 3.85 -9.00
N SER B 209 -10.21 4.32 -7.91
CA SER B 209 -10.30 3.61 -6.64
C SER B 209 -11.73 3.55 -6.12
N PHE B 210 -12.48 4.64 -6.30
CA PHE B 210 -13.86 4.65 -5.83
C PHE B 210 -14.72 3.66 -6.61
N ILE B 211 -14.62 3.67 -7.94
CA ILE B 211 -15.42 2.76 -8.74
C ILE B 211 -14.94 1.33 -8.59
N ASN B 212 -13.64 1.12 -8.38
CA ASN B 212 -13.13 -0.22 -8.16
C ASN B 212 -13.69 -0.84 -6.89
N ALA B 213 -13.80 -0.04 -5.83
CA ALA B 213 -14.42 -0.52 -4.60
C ALA B 213 -15.90 -0.85 -4.81
N ILE B 214 -16.59 -0.02 -5.59
CA ILE B 214 -17.99 -0.27 -5.90
C ILE B 214 -18.13 -1.50 -6.80
N MET B 215 -17.26 -1.61 -7.82
CA MET B 215 -17.32 -2.74 -8.73
C MET B 215 -17.00 -4.05 -8.00
N THR B 216 -16.04 -4.02 -7.08
CA THR B 216 -15.69 -5.21 -6.33
C THR B 216 -16.87 -5.71 -5.50
N LEU B 217 -17.57 -4.78 -4.85
CA LEU B 217 -18.76 -5.16 -4.09
C LEU B 217 -19.87 -5.65 -5.00
N ILE B 218 -20.08 -4.97 -6.13
CA ILE B 218 -21.13 -5.37 -7.06
C ILE B 218 -20.84 -6.73 -7.66
N ALA B 219 -19.57 -6.98 -8.02
CA ALA B 219 -19.22 -8.24 -8.67
C ALA B 219 -19.32 -9.42 -7.72
N PHE B 220 -19.04 -9.22 -6.43
CA PHE B 220 -19.01 -10.32 -5.48
C PHE B 220 -20.33 -10.53 -4.74
N LEU B 221 -21.30 -9.64 -4.90
CA LEU B 221 -22.61 -9.88 -4.30
C LEU B 221 -23.31 -11.09 -4.90
N PRO B 222 -23.41 -11.26 -6.22
CA PRO B 222 -23.98 -12.52 -6.74
C PRO B 222 -23.18 -13.74 -6.34
N VAL B 223 -21.86 -13.58 -6.17
CA VAL B 223 -21.03 -14.69 -5.70
C VAL B 223 -21.44 -15.12 -4.30
N LEU B 224 -21.66 -14.14 -3.41
CA LEU B 224 -22.00 -14.46 -2.03
C LEU B 224 -23.41 -14.98 -1.89
N VAL B 225 -24.32 -14.58 -2.80
CA VAL B 225 -25.68 -15.11 -2.77
C VAL B 225 -25.67 -16.60 -3.06
N THR B 226 -24.86 -17.03 -4.03
CA THR B 226 -24.74 -18.46 -4.31
C THR B 226 -23.95 -19.19 -3.23
N LEU B 227 -22.98 -18.53 -2.62
CA LEU B 227 -22.19 -19.16 -1.56
C LEU B 227 -22.97 -19.28 -0.26
N SER B 228 -23.93 -18.38 -0.03
CA SER B 228 -24.70 -18.39 1.22
C SER B 228 -25.63 -19.58 1.33
N ALA B 229 -25.83 -20.34 0.26
CA ALA B 229 -26.64 -21.55 0.35
C ALA B 229 -25.97 -22.61 1.20
N HIS B 230 -24.64 -22.66 1.20
CA HIS B 230 -23.88 -23.62 1.99
C HIS B 230 -23.62 -23.14 3.41
N VAL B 231 -24.04 -21.92 3.76
CA VAL B 231 -23.84 -21.37 5.09
C VAL B 231 -25.19 -20.94 5.64
N PRO B 232 -26.01 -21.88 6.12
CA PRO B 232 -27.34 -21.49 6.62
C PRO B 232 -27.30 -20.95 8.04
N GLU B 233 -26.34 -21.39 8.84
CA GLU B 233 -26.24 -21.03 10.25
C GLU B 233 -25.07 -20.09 10.47
N LEU B 234 -25.31 -19.01 11.20
CA LEU B 234 -24.30 -18.06 11.61
C LEU B 234 -24.05 -18.18 13.11
N PRO B 235 -22.86 -17.79 13.58
CA PRO B 235 -22.46 -18.10 14.96
C PRO B 235 -23.38 -17.55 16.04
N ILE B 236 -23.60 -16.24 16.06
CA ILE B 236 -24.31 -15.60 17.16
C ILE B 236 -25.76 -15.25 16.85
N ILE B 237 -26.12 -15.05 15.59
CA ILE B 237 -27.47 -14.67 15.22
C ILE B 237 -28.29 -15.84 14.70
N GLY B 238 -27.72 -17.05 14.70
CA GLY B 238 -28.46 -18.21 14.28
C GLY B 238 -28.79 -18.17 12.79
N HIS B 239 -29.84 -18.91 12.44
CA HIS B 239 -30.28 -18.98 11.05
C HIS B 239 -30.85 -17.65 10.60
N ILE B 240 -30.47 -17.23 9.39
CA ILE B 240 -30.97 -16.01 8.79
C ILE B 240 -30.82 -16.12 7.27
N PRO B 241 -31.85 -15.77 6.50
CA PRO B 241 -31.72 -15.85 5.04
C PRO B 241 -30.65 -14.89 4.53
N TYR B 242 -29.87 -15.35 3.55
CA TYR B 242 -28.76 -14.60 2.98
C TYR B 242 -27.83 -14.10 4.08
N GLY B 243 -27.41 -15.03 4.94
CA GLY B 243 -26.60 -14.65 6.09
C GLY B 243 -25.23 -14.11 5.68
N LEU B 244 -24.58 -14.79 4.74
CA LEU B 244 -23.26 -14.34 4.31
C LEU B 244 -23.34 -12.98 3.63
N VAL B 245 -24.37 -12.75 2.82
CA VAL B 245 -24.50 -11.48 2.11
C VAL B 245 -24.74 -10.34 3.09
N ILE B 246 -25.61 -10.56 4.08
CA ILE B 246 -25.92 -9.51 5.05
C ILE B 246 -24.69 -9.23 5.92
N ALA B 247 -24.03 -10.28 6.41
CA ALA B 247 -22.88 -10.09 7.28
C ALA B 247 -21.74 -9.41 6.56
N ALA B 248 -21.48 -9.79 5.31
CA ALA B 248 -20.40 -9.17 4.54
C ALA B 248 -20.69 -7.69 4.29
N ILE B 249 -21.94 -7.37 3.93
CA ILE B 249 -22.31 -5.98 3.66
C ILE B 249 -22.20 -5.15 4.93
N VAL B 250 -22.71 -5.69 6.05
CA VAL B 250 -22.66 -4.95 7.32
C VAL B 250 -21.21 -4.73 7.75
N TRP B 251 -20.39 -5.78 7.68
CA TRP B 251 -19.00 -5.66 8.10
C TRP B 251 -18.22 -4.70 7.21
N SER B 252 -18.43 -4.79 5.89
CA SER B 252 -17.65 -3.99 4.96
C SER B 252 -18.14 -2.53 4.94
N LEU B 253 -19.40 -2.32 4.57
CA LEU B 253 -19.89 -0.96 4.36
C LEU B 253 -19.99 -0.20 5.68
N MET B 254 -20.60 -0.79 6.69
CA MET B 254 -20.71 -0.10 7.98
C MET B 254 -19.35 -0.01 8.67
N GLY B 255 -18.50 -1.01 8.49
CA GLY B 255 -17.15 -0.93 9.02
C GLY B 255 -16.35 0.20 8.40
N THR B 256 -16.42 0.34 7.08
CA THR B 256 -15.79 1.48 6.43
C THR B 256 -16.46 2.79 6.82
N GLY B 257 -17.79 2.77 6.94
CA GLY B 257 -18.50 3.99 7.35
C GLY B 257 -18.20 4.39 8.77
N LEU B 258 -18.04 3.41 9.67
CA LEU B 258 -17.74 3.74 11.06
C LEU B 258 -16.36 4.36 11.20
N LEU B 259 -15.39 3.88 10.42
CA LEU B 259 -14.05 4.47 10.45
C LEU B 259 -14.08 5.92 10.00
N ALA B 260 -14.88 6.23 8.98
CA ALA B 260 -15.04 7.62 8.56
C ALA B 260 -15.72 8.44 9.66
N VAL B 261 -16.62 7.84 10.42
CA VAL B 261 -17.26 8.55 11.53
C VAL B 261 -16.26 8.82 12.64
N VAL B 262 -15.37 7.86 12.92
CA VAL B 262 -14.35 8.05 13.95
C VAL B 262 -13.38 9.16 13.52
N GLY B 263 -13.00 9.19 12.25
CA GLY B 263 -12.06 10.17 11.76
C GLY B 263 -12.72 11.37 11.09
N ILE B 264 -13.81 11.86 11.67
CA ILE B 264 -14.47 13.03 11.10
C ILE B 264 -13.62 14.28 11.30
N LYS B 265 -12.96 14.40 12.46
CA LYS B 265 -12.16 15.58 12.75
C LYS B 265 -10.84 15.58 12.00
N LEU B 266 -10.41 14.43 11.47
CA LEU B 266 -9.11 14.35 10.82
C LEU B 266 -8.99 15.24 9.59
N PRO B 267 -9.94 15.26 8.64
CA PRO B 267 -9.80 16.20 7.52
C PRO B 267 -9.75 17.65 7.94
N GLY B 268 -10.48 18.01 9.00
CA GLY B 268 -10.42 19.38 9.50
C GLY B 268 -9.06 19.74 10.08
N LEU B 269 -8.46 18.80 10.81
CA LEU B 269 -7.14 19.06 11.39
C LEU B 269 -6.08 19.16 10.30
N GLU B 270 -6.17 18.32 9.27
CA GLU B 270 -5.19 18.37 8.18
C GLU B 270 -5.26 19.71 7.44
N PHE B 271 -6.48 20.24 7.25
CA PHE B 271 -6.62 21.53 6.59
C PHE B 271 -6.00 22.64 7.44
N LYS B 272 -6.18 22.59 8.76
CA LYS B 272 -5.55 23.58 9.63
C LYS B 272 -4.04 23.45 9.61
N ASN B 273 -3.53 22.22 9.56
CA ASN B 273 -2.09 22.02 9.48
C ASN B 273 -1.51 22.65 8.21
N GLN B 274 -2.28 22.63 7.13
CA GLN B 274 -1.81 23.26 5.89
C GLN B 274 -1.84 24.78 6.01
N ARG B 275 -2.76 25.31 6.80
CA ARG B 275 -2.85 26.77 6.97
C ARG B 275 -1.66 27.31 7.76
N VAL B 276 -1.30 26.63 8.85
CA VAL B 276 -0.19 27.10 9.68
C VAL B 276 1.13 26.95 8.94
N GLU B 277 1.28 25.90 8.12
CA GLU B 277 2.45 25.78 7.26
C GLU B 277 2.50 26.93 6.25
N ALA B 278 1.34 27.28 5.68
CA ALA B 278 1.31 28.37 4.71
C ALA B 278 1.71 29.70 5.35
N ALA B 279 1.19 29.97 6.55
CA ALA B 279 1.57 31.20 7.25
C ALA B 279 3.05 31.22 7.58
N TYR B 280 3.60 30.09 8.01
CA TYR B 280 5.03 30.01 8.29
C TYR B 280 5.84 30.20 7.02
N ARG B 281 5.42 29.57 5.92
CA ARG B 281 6.12 29.74 4.65
C ARG B 281 5.95 31.16 4.11
N LYS B 282 4.76 31.74 4.28
CA LYS B 282 4.51 33.08 3.76
C LYS B 282 5.44 34.11 4.41
N GLU B 283 5.63 34.00 5.72
CA GLU B 283 6.54 34.92 6.40
C GLU B 283 7.98 34.70 5.95
N LEU B 284 8.38 33.43 5.76
CA LEU B 284 9.73 33.15 5.30
C LEU B 284 9.96 33.71 3.89
N VAL B 285 8.97 33.61 3.02
CA VAL B 285 9.11 34.14 1.66
C VAL B 285 9.29 35.65 1.69
N TYR B 286 8.48 36.34 2.49
CA TYR B 286 8.62 37.78 2.62
C TYR B 286 9.96 38.16 3.25
N GLY B 287 10.42 37.37 4.20
CA GLY B 287 11.69 37.64 4.85
C GLY B 287 12.91 37.34 4.02
N GLU B 288 12.74 36.68 2.87
CA GLU B 288 13.89 36.40 2.01
C GLU B 288 14.52 37.68 1.48
N ASP B 289 13.69 38.65 1.09
CA ASP B 289 14.19 39.92 0.58
C ASP B 289 14.38 40.96 1.69
N ASP B 290 13.33 41.23 2.45
CA ASP B 290 13.43 42.19 3.55
C ASP B 290 14.30 41.63 4.67
N ALA B 291 15.16 42.48 5.21
CA ALA B 291 16.08 42.10 6.27
C ALA B 291 15.60 42.51 7.65
N THR B 292 14.38 43.04 7.77
CA THR B 292 13.83 43.47 9.05
C THR B 292 12.64 42.65 9.52
N ARG B 293 11.94 41.95 8.62
CA ARG B 293 10.78 41.17 9.00
C ARG B 293 11.10 39.69 9.17
N ALA B 294 12.38 39.31 9.15
CA ALA B 294 12.76 37.96 9.52
C ALA B 294 12.32 37.67 10.96
N THR B 295 12.69 38.56 11.89
CA THR B 295 12.11 38.65 13.23
C THR B 295 12.10 37.30 13.94
N PRO B 296 13.23 36.85 14.48
CA PRO B 296 13.29 35.54 15.13
C PRO B 296 12.19 35.32 16.15
N PRO B 297 11.77 36.34 16.91
CA PRO B 297 10.57 36.16 17.74
C PRO B 297 9.32 35.83 16.95
N THR B 298 9.15 36.37 15.74
CA THR B 298 7.95 36.07 14.96
C THR B 298 7.95 34.63 14.46
N VAL B 299 9.08 34.17 13.92
CA VAL B 299 9.15 32.79 13.44
C VAL B 299 9.07 31.81 14.60
N ARG B 300 9.37 32.27 15.82
CA ARG B 300 9.20 31.43 17.00
C ARG B 300 7.74 31.11 17.24
N GLU B 301 6.87 32.12 17.13
CA GLU B 301 5.44 31.89 17.33
C GLU B 301 4.84 31.10 16.19
N LEU B 302 5.30 31.35 14.96
CA LEU B 302 4.75 30.65 13.80
C LEU B 302 5.04 29.17 13.86
N PHE B 303 6.26 28.79 14.26
CA PHE B 303 6.56 27.37 14.40
C PHE B 303 5.89 26.77 15.63
N SER B 304 5.62 27.59 16.65
CA SER B 304 4.86 27.11 17.80
C SER B 304 3.44 26.73 17.38
N ALA B 305 2.83 27.52 16.50
CA ALA B 305 1.54 27.15 15.95
C ALA B 305 1.64 25.88 15.10
N VAL B 306 2.79 25.67 14.45
CA VAL B 306 3.00 24.44 13.71
C VAL B 306 3.10 23.26 14.67
N ARG B 307 3.83 23.44 15.78
CA ARG B 307 3.98 22.37 16.75
C ARG B 307 2.64 22.00 17.37
N LYS B 308 1.86 23.00 17.77
CA LYS B 308 0.61 22.73 18.49
C LYS B 308 -0.40 22.01 17.61
N ASN B 309 -0.50 22.41 16.34
CA ASN B 309 -1.50 21.80 15.47
C ASN B 309 -1.07 20.40 15.02
N TYR B 310 0.21 20.20 14.76
CA TYR B 310 0.70 18.86 14.46
C TYR B 310 0.53 17.92 15.64
N PHE B 311 0.83 18.42 16.85
CA PHE B 311 0.66 17.60 18.04
C PHE B 311 -0.81 17.25 18.27
N ARG B 312 -1.71 18.15 17.87
CA ARG B 312 -3.14 17.85 17.94
C ARG B 312 -3.52 16.78 16.93
N LEU B 313 -2.94 16.83 15.73
CA LEU B 313 -3.23 15.82 14.73
C LEU B 313 -2.75 14.44 15.17
N TYR B 314 -1.55 14.38 15.77
CA TYR B 314 -1.02 13.10 16.23
C TYR B 314 -1.90 12.51 17.33
N PHE B 315 -2.42 13.35 18.20
CA PHE B 315 -3.28 12.87 19.28
C PHE B 315 -4.60 12.34 18.75
N HIS B 316 -5.23 13.08 17.84
CA HIS B 316 -6.51 12.64 17.30
C HIS B 316 -6.35 11.44 16.38
N TYR B 317 -5.28 11.40 15.59
CA TYR B 317 -5.04 10.27 14.71
C TYR B 317 -4.74 9.00 15.50
N MET B 318 -4.42 9.13 16.79
CA MET B 318 -4.24 7.95 17.64
C MET B 318 -5.54 7.18 17.80
N TYR B 319 -6.65 7.91 17.99
CA TYR B 319 -7.96 7.25 18.08
C TYR B 319 -8.32 6.58 16.76
N PHE B 320 -8.02 7.23 15.64
CA PHE B 320 -8.26 6.63 14.33
C PHE B 320 -7.41 5.38 14.15
N ASN B 321 -6.17 5.41 14.63
CA ASN B 321 -5.31 4.23 14.57
C ASN B 321 -5.87 3.08 15.40
N ILE B 322 -6.43 3.39 16.56
CA ILE B 322 -7.02 2.35 17.41
C ILE B 322 -8.16 1.67 16.67
N ALA B 323 -9.05 2.46 16.05
CA ALA B 323 -10.19 1.89 15.35
C ALA B 323 -9.76 1.19 14.07
N ARG B 324 -8.82 1.78 13.34
CA ARG B 324 -8.42 1.21 12.05
C ARG B 324 -7.67 -0.10 12.23
N ILE B 325 -6.69 -0.13 13.12
CA ILE B 325 -5.87 -1.32 13.29
C ILE B 325 -6.68 -2.44 13.93
N LEU B 326 -7.54 -2.12 14.90
CA LEU B 326 -8.39 -3.14 15.50
C LEU B 326 -9.33 -3.74 14.47
N TYR B 327 -9.88 -2.91 13.58
CA TYR B 327 -10.74 -3.41 12.52
C TYR B 327 -9.99 -4.36 11.59
N LEU B 328 -8.73 -4.02 11.27
CA LEU B 328 -7.94 -4.87 10.39
C LEU B 328 -7.65 -6.23 11.02
N GLN B 329 -7.28 -6.23 12.30
CA GLN B 329 -6.94 -7.49 12.96
C GLN B 329 -8.15 -8.41 13.06
N VAL B 330 -9.32 -7.85 13.40
CA VAL B 330 -10.54 -8.65 13.46
C VAL B 330 -10.94 -9.11 12.06
N ASP B 331 -10.72 -8.28 11.04
CA ASP B 331 -11.08 -8.64 9.68
C ASP B 331 -10.31 -9.86 9.19
N ASN B 332 -9.12 -10.12 9.76
CA ASN B 332 -8.34 -11.28 9.38
C ASN B 332 -9.00 -12.59 9.82
N VAL B 333 -9.87 -12.54 10.82
CA VAL B 333 -10.50 -13.74 11.37
C VAL B 333 -12.01 -13.71 11.22
N PHE B 334 -12.59 -12.56 10.81
CA PHE B 334 -14.04 -12.47 10.67
C PHE B 334 -14.56 -13.41 9.59
N GLY B 335 -13.83 -13.55 8.49
CA GLY B 335 -14.27 -14.43 7.43
C GLY B 335 -14.41 -15.87 7.88
N LEU B 336 -13.46 -16.35 8.68
CA LEU B 336 -13.55 -17.70 9.25
C LEU B 336 -14.54 -17.77 10.39
N PHE B 337 -14.76 -16.67 11.10
CA PHE B 337 -15.66 -16.68 12.25
C PHE B 337 -17.09 -16.99 11.82
N LEU B 338 -17.52 -16.45 10.67
CA LEU B 338 -18.87 -16.71 10.18
C LEU B 338 -19.06 -18.16 9.77
N LEU B 339 -17.97 -18.88 9.47
CA LEU B 339 -18.06 -20.24 8.97
C LEU B 339 -17.91 -21.29 10.06
N PHE B 340 -17.78 -20.88 11.33
CA PHE B 340 -17.56 -21.85 12.40
C PHE B 340 -18.70 -22.85 12.55
N PRO B 341 -19.99 -22.45 12.57
CA PRO B 341 -21.04 -23.47 12.58
C PRO B 341 -21.02 -24.37 11.37
N SER B 342 -20.64 -23.85 10.21
CA SER B 342 -20.56 -24.66 9.00
C SER B 342 -19.39 -25.62 9.05
N ILE B 343 -18.23 -25.17 9.55
CA ILE B 343 -17.06 -26.03 9.65
C ILE B 343 -17.32 -27.18 10.60
N VAL B 344 -17.93 -26.88 11.76
CA VAL B 344 -18.21 -27.91 12.75
C VAL B 344 -19.20 -28.93 12.20
N ALA B 345 -20.28 -28.47 11.57
CA ALA B 345 -21.28 -29.36 11.03
C ALA B 345 -20.82 -30.08 9.76
N GLY B 346 -19.69 -29.66 9.17
CA GLY B 346 -19.20 -30.28 7.95
C GLY B 346 -20.11 -30.10 6.75
N THR B 347 -20.70 -28.91 6.60
CA THR B 347 -21.55 -28.61 5.47
C THR B 347 -20.81 -27.92 4.33
N ILE B 348 -19.53 -27.58 4.51
CA ILE B 348 -18.73 -26.94 3.48
C ILE B 348 -17.41 -27.68 3.35
N THR B 349 -16.76 -27.48 2.22
CA THR B 349 -15.45 -28.07 1.94
C THR B 349 -14.36 -27.01 2.10
N LEU B 350 -13.11 -27.45 1.93
CA LEU B 350 -11.99 -26.53 2.05
C LEU B 350 -11.99 -25.51 0.93
N GLY B 351 -12.42 -25.89 -0.26
CA GLY B 351 -12.53 -24.93 -1.35
C GLY B 351 -13.59 -23.88 -1.09
N LEU B 352 -14.75 -24.31 -0.60
CA LEU B 352 -15.80 -23.37 -0.23
C LEU B 352 -15.35 -22.48 0.93
N MET B 353 -14.63 -23.06 1.89
CA MET B 353 -14.06 -22.28 2.98
C MET B 353 -13.10 -21.22 2.45
N THR B 354 -12.22 -21.60 1.53
CA THR B 354 -11.23 -20.65 1.02
C THR B 354 -11.85 -19.66 0.04
N GLN B 355 -12.84 -20.11 -0.74
CA GLN B 355 -13.49 -19.19 -1.67
C GLN B 355 -14.24 -18.10 -0.94
N ILE B 356 -14.98 -18.45 0.12
CA ILE B 356 -15.70 -17.45 0.91
C ILE B 356 -14.73 -16.51 1.59
N THR B 357 -13.66 -17.05 2.17
CA THR B 357 -12.65 -16.22 2.82
C THR B 357 -11.94 -15.32 1.81
N ASN B 358 -11.74 -15.81 0.58
CA ASN B 358 -11.12 -14.97 -0.44
C ASN B 358 -12.05 -13.84 -0.87
N VAL B 359 -13.35 -14.10 -0.93
CA VAL B 359 -14.30 -13.04 -1.28
C VAL B 359 -14.22 -11.90 -0.28
N PHE B 360 -14.16 -12.24 1.01
CA PHE B 360 -13.96 -11.22 2.04
C PHE B 360 -12.61 -10.53 1.86
N GLY B 361 -11.58 -11.29 1.51
CA GLY B 361 -10.27 -10.69 1.32
C GLY B 361 -10.22 -9.74 0.13
N GLN B 362 -10.83 -10.12 -0.99
CA GLN B 362 -10.85 -9.24 -2.16
C GLN B 362 -11.68 -7.99 -1.88
N VAL B 363 -12.81 -8.13 -1.19
CA VAL B 363 -13.59 -6.96 -0.81
C VAL B 363 -12.82 -6.09 0.17
N ARG B 364 -12.13 -6.73 1.13
CA ARG B 364 -11.34 -5.98 2.10
C ARG B 364 -10.22 -5.21 1.41
N GLY B 365 -9.47 -5.88 0.52
CA GLY B 365 -8.37 -5.21 -0.15
C GLY B 365 -8.82 -4.07 -1.02
N ALA B 366 -9.96 -4.23 -1.70
CA ALA B 366 -10.50 -3.14 -2.51
C ALA B 366 -10.87 -1.94 -1.65
N PHE B 367 -11.48 -2.18 -0.49
CA PHE B 367 -11.88 -1.10 0.40
C PHE B 367 -10.69 -0.52 1.16
N GLN B 368 -9.63 -1.29 1.37
CA GLN B 368 -8.45 -0.75 2.07
C GLN B 368 -7.78 0.35 1.25
N TYR B 369 -7.75 0.19 -0.08
CA TYR B 369 -7.21 1.24 -0.93
C TYR B 369 -8.03 2.52 -0.79
N LEU B 370 -9.32 2.40 -0.51
CA LEU B 370 -10.15 3.57 -0.26
C LEU B 370 -9.88 4.17 1.12
N ILE B 371 -9.70 3.31 2.13
CA ILE B 371 -9.45 3.79 3.49
C ILE B 371 -8.07 4.46 3.56
N ASN B 372 -7.06 3.81 2.99
CA ASN B 372 -5.71 4.38 3.00
C ASN B 372 -5.58 5.62 2.14
N SER B 373 -6.56 5.90 1.28
CA SER B 373 -6.55 7.09 0.45
C SER B 373 -7.28 8.26 1.07
N TRP B 374 -7.69 8.16 2.34
CA TRP B 374 -8.36 9.28 2.99
C TRP B 374 -7.45 10.50 3.06
N THR B 375 -6.15 10.29 3.22
CA THR B 375 -5.21 11.40 3.13
C THR B 375 -5.17 11.97 1.72
N THR B 376 -5.36 11.11 0.71
CA THR B 376 -5.37 11.56 -0.67
C THR B 376 -6.59 12.44 -0.97
N LEU B 377 -7.71 12.18 -0.28
CA LEU B 377 -8.87 13.08 -0.41
C LEU B 377 -8.52 14.49 0.02
N VAL B 378 -7.81 14.61 1.16
CA VAL B 378 -7.49 15.93 1.69
C VAL B 378 -6.56 16.67 0.74
N GLU B 379 -5.62 15.94 0.11
CA GLU B 379 -4.71 16.57 -0.84
C GLU B 379 -5.46 17.12 -2.05
N LEU B 380 -6.44 16.37 -2.57
CA LEU B 380 -7.17 16.82 -3.74
C LEU B 380 -7.99 18.06 -3.47
N MET B 381 -8.66 18.12 -2.31
CA MET B 381 -9.45 19.29 -1.97
C MET B 381 -8.58 20.52 -1.83
N SER B 382 -7.39 20.37 -1.23
CA SER B 382 -6.47 21.49 -1.14
C SER B 382 -6.02 21.95 -2.52
N ILE B 383 -5.70 21.00 -3.40
CA ILE B 383 -5.29 21.35 -4.76
C ILE B 383 -6.43 22.03 -5.51
N TYR B 384 -7.64 21.49 -5.38
CA TYR B 384 -8.78 22.05 -6.10
C TYR B 384 -9.07 23.48 -5.63
N LYS B 385 -9.00 23.73 -4.33
CA LYS B 385 -9.23 25.08 -3.82
C LYS B 385 -8.15 26.04 -4.31
N ARG B 386 -6.90 25.58 -4.36
CA ARG B 386 -5.83 26.41 -4.91
C ARG B 386 -6.08 26.71 -6.39
N LEU B 387 -6.49 25.70 -7.15
CA LEU B 387 -6.77 25.89 -8.57
C LEU B 387 -8.01 26.74 -8.77
N ARG B 388 -9.06 26.50 -7.98
CA ARG B 388 -10.31 27.24 -8.14
C ARG B 388 -10.10 28.74 -7.92
N SER B 389 -9.34 29.11 -6.90
CA SER B 389 -9.05 30.52 -6.66
C SER B 389 -8.13 31.09 -7.73
N PHE B 390 -7.42 30.21 -8.45
CA PHE B 390 -6.49 30.68 -9.47
C PHE B 390 -7.25 31.29 -10.65
N GLU B 391 -8.29 30.60 -11.13
CA GLU B 391 -9.05 31.10 -12.27
C GLU B 391 -10.12 32.11 -11.87
N HIS B 392 -10.43 32.24 -10.58
CA HIS B 392 -11.45 33.19 -10.15
C HIS B 392 -11.03 34.62 -10.48
N GLU B 393 -9.82 35.00 -10.09
CA GLU B 393 -9.22 36.32 -10.34
C GLU B 393 -10.21 37.48 -10.35
#